data_3UOE
#
_entry.id   3UOE
#
_cell.length_a   77.708
_cell.length_b   79.692
_cell.length_c   107.129
_cell.angle_alpha   90.00
_cell.angle_beta   90.00
_cell.angle_gamma   90.00
#
_symmetry.space_group_name_H-M   'P 21 21 21'
#
loop_
_entity.id
_entity.type
_entity.pdbx_description
1 polymer Dehydrogenase
2 water water
#
_entity_poly.entity_id   1
_entity_poly.type   'polypeptide(L)'
_entity_poly.pdbx_seq_one_letter_code
;(MSE)HHHHHHSSGVDLGTENLYFQS(MSE)(MSE)RLPPARLRNLSVALLEKRGVPADSARLQANLLLEAELRGLPSHG
LQRLPLLLSRLDKGLANPTTRGNGTWRRASFLSVDGERGLGPVV(MSE)(MSE)DA(MSE)RVTRRILKETGLAIAAIRN
ANH(MSE)G(MSE)LAYYAEAAARDGLIGIV(MSE)STSEALVHPFGGTQALIGTNPVAIGIPAAGHPFVLDLATSIVS
(MSE)GKINNHA(MSE)RGLAIPPGWAVDRDGRATTDPHAAQAGAIAPFGDAKGYGLGLAIELLVAALAGSNLAPDVNGT
LDDIHPANKGDLLILIDPSAGAGSIPALAAYLDRLRLSRPLDPTQPVAIPGDGARARRAAAAKTGIELPQPLFDHLTALE
AA
;
_entity_poly.pdbx_strand_id   A,B
#
# COMPACT_ATOMS: atom_id res chain seq x y z
N LEU A 18 34.41 21.16 8.75
CA LEU A 18 34.57 20.25 9.87
C LEU A 18 34.55 18.79 9.41
N TYR A 19 35.45 18.01 9.98
CA TYR A 19 35.65 16.62 9.59
C TYR A 19 34.35 15.82 9.46
N PHE A 20 33.56 15.74 10.52
CA PHE A 20 32.35 14.94 10.48
C PHE A 20 31.26 15.51 9.59
N GLN A 21 31.46 16.74 9.12
CA GLN A 21 30.54 17.39 8.19
C GLN A 21 31.11 17.48 6.77
N SER A 22 32.30 16.91 6.55
CA SER A 22 32.94 16.95 5.24
C SER A 22 32.47 15.87 4.29
N MSE A 23 32.50 16.18 3.00
CA MSE A 23 32.10 15.26 1.94
C MSE A 23 33.27 15.01 1.02
O MSE A 23 34.17 15.84 0.86
CB MSE A 23 30.97 15.85 1.11
CG MSE A 23 29.72 16.21 1.89
SE MSE A 23 28.79 14.66 2.62
CE MSE A 23 27.85 14.04 1.02
N MSE A 24 33.27 13.85 0.37
CA MSE A 24 34.13 13.63 -0.78
C MSE A 24 33.28 13.16 -1.92
O MSE A 24 32.27 12.48 -1.71
CB MSE A 24 35.16 12.56 -0.48
CG MSE A 24 35.87 12.71 0.83
SE MSE A 24 37.49 11.64 0.74
CE MSE A 24 38.60 12.88 -0.29
N ARG A 25 33.68 13.51 -3.14
CA ARG A 25 33.04 12.99 -4.33
C ARG A 25 33.95 11.96 -4.99
N LEU A 26 33.40 10.79 -5.28
CA LEU A 26 34.16 9.69 -5.85
C LEU A 26 33.44 9.07 -7.05
N PRO A 27 34.21 8.48 -7.98
CA PRO A 27 33.65 7.70 -9.10
C PRO A 27 32.91 6.47 -8.58
N PRO A 28 31.68 6.24 -9.06
CA PRO A 28 30.89 5.08 -8.63
C PRO A 28 31.67 3.76 -8.74
N ALA A 29 32.39 3.58 -9.84
CA ALA A 29 33.11 2.33 -10.06
C ALA A 29 34.12 2.07 -8.94
N ARG A 30 34.75 3.13 -8.45
CA ARG A 30 35.72 2.98 -7.37
C ARG A 30 35.07 2.46 -6.08
N LEU A 31 33.93 3.07 -5.71
CA LEU A 31 33.20 2.64 -4.53
C LEU A 31 32.64 1.24 -4.69
N ARG A 32 32.13 0.95 -5.88
CA ARG A 32 31.66 -0.40 -6.16
C ARG A 32 32.78 -1.40 -5.95
N ASN A 33 33.94 -1.15 -6.54
CA ASN A 33 35.07 -2.07 -6.41
C ASN A 33 35.52 -2.25 -4.97
N LEU A 34 35.54 -1.15 -4.23
CA LEU A 34 35.91 -1.18 -2.82
C LEU A 34 34.91 -2.05 -2.06
N SER A 35 33.62 -1.85 -2.33
CA SER A 35 32.56 -2.56 -1.63
C SER A 35 32.59 -4.05 -1.91
N VAL A 36 32.78 -4.42 -3.17
CA VAL A 36 32.90 -5.81 -3.55
C VAL A 36 34.07 -6.51 -2.85
N ALA A 37 35.23 -5.85 -2.84
CA ALA A 37 36.41 -6.46 -2.23
C ALA A 37 36.20 -6.72 -0.74
N LEU A 38 35.54 -5.79 -0.05
CA LEU A 38 35.24 -5.96 1.36
C LEU A 38 34.29 -7.15 1.58
N LEU A 39 33.21 -7.21 0.81
CA LEU A 39 32.31 -8.35 0.89
C LEU A 39 33.09 -9.64 0.64
N GLU A 40 33.87 -9.67 -0.42
CA GLU A 40 34.59 -10.87 -0.80
C GLU A 40 35.60 -11.31 0.26
N LYS A 41 36.21 -10.36 0.96
CA LYS A 41 37.09 -10.70 2.07
C LYS A 41 36.33 -11.55 3.10
N ARG A 42 35.01 -11.50 3.07
CA ARG A 42 34.22 -12.25 4.02
C ARG A 42 33.66 -13.57 3.45
N GLY A 43 34.14 -13.96 2.27
CA GLY A 43 33.73 -15.22 1.67
C GLY A 43 32.45 -15.13 0.84
N VAL A 44 31.95 -13.92 0.65
CA VAL A 44 30.77 -13.71 -0.18
C VAL A 44 31.12 -13.96 -1.65
N PRO A 45 30.36 -14.83 -2.33
CA PRO A 45 30.60 -15.15 -3.75
C PRO A 45 30.59 -13.86 -4.58
N ALA A 46 31.40 -13.83 -5.64
CA ALA A 46 31.57 -12.60 -6.44
C ALA A 46 30.26 -12.05 -7.04
N ASP A 47 29.38 -12.94 -7.49
CA ASP A 47 28.11 -12.48 -8.06
C ASP A 47 27.26 -11.85 -6.97
N SER A 48 27.22 -12.50 -5.81
CA SER A 48 26.49 -11.98 -4.67
C SER A 48 27.11 -10.69 -4.11
N ALA A 49 28.44 -10.63 -4.09
CA ALA A 49 29.12 -9.43 -3.61
C ALA A 49 28.74 -8.23 -4.48
N ARG A 50 28.73 -8.45 -5.79
CA ARG A 50 28.41 -7.42 -6.76
C ARG A 50 26.99 -6.93 -6.55
N LEU A 51 26.08 -7.85 -6.28
CA LEU A 51 24.66 -7.54 -6.12
C LEU A 51 24.42 -6.73 -4.84
N GLN A 52 24.93 -7.21 -3.71
CA GLN A 52 24.87 -6.44 -2.48
C GLN A 52 25.47 -5.05 -2.65
N ALA A 53 26.56 -4.95 -3.40
CA ALA A 53 27.19 -3.65 -3.64
C ALA A 53 26.32 -2.76 -4.54
N ASN A 54 25.72 -3.36 -5.57
CA ASN A 54 24.84 -2.62 -6.48
C ASN A 54 23.65 -2.02 -5.76
N LEU A 55 23.08 -2.77 -4.82
CA LEU A 55 21.99 -2.25 -4.00
C LEU A 55 22.33 -0.92 -3.32
N LEU A 56 23.52 -0.85 -2.73
CA LEU A 56 23.94 0.32 -1.97
C LEU A 56 24.36 1.45 -2.91
N LEU A 57 25.06 1.10 -3.98
CA LEU A 57 25.47 2.10 -4.98
C LEU A 57 24.28 2.74 -5.70
N GLU A 58 23.27 1.92 -6.02
CA GLU A 58 22.07 2.45 -6.66
C GLU A 58 21.36 3.42 -5.73
N ALA A 59 21.32 3.09 -4.44
CA ALA A 59 20.77 4.01 -3.44
C ALA A 59 21.53 5.34 -3.46
N GLU A 60 22.85 5.27 -3.33
CA GLU A 60 23.72 6.46 -3.41
C GLU A 60 23.44 7.25 -4.70
N LEU A 61 23.49 6.58 -5.85
CA LEU A 61 23.30 7.24 -7.14
C LEU A 61 21.95 7.93 -7.26
N ARG A 62 20.94 7.38 -6.60
CA ARG A 62 19.57 7.88 -6.73
C ARG A 62 19.21 8.91 -5.66
N GLY A 63 20.18 9.30 -4.84
CA GLY A 63 19.93 10.30 -3.82
C GLY A 63 19.28 9.73 -2.57
N LEU A 64 19.50 8.46 -2.29
CA LEU A 64 19.01 7.84 -1.06
C LEU A 64 20.17 7.27 -0.23
N PRO A 65 21.04 8.17 0.27
CA PRO A 65 22.22 7.72 1.01
C PRO A 65 21.86 6.97 2.30
N SER A 66 20.64 7.16 2.79
CA SER A 66 20.18 6.45 3.98
C SER A 66 20.22 4.93 3.79
N HIS A 67 20.10 4.47 2.55
CA HIS A 67 20.11 3.05 2.21
C HIS A 67 21.31 2.70 1.34
N GLY A 68 22.30 3.59 1.35
CA GLY A 68 23.49 3.44 0.54
C GLY A 68 24.65 2.89 1.36
N LEU A 69 25.84 3.40 1.11
CA LEU A 69 27.04 2.81 1.67
C LEU A 69 27.18 2.90 3.19
N GLN A 70 26.43 3.80 3.84
CA GLN A 70 26.49 3.89 5.30
C GLN A 70 25.99 2.59 5.92
N ARG A 71 25.28 1.79 5.12
CA ARG A 71 24.79 0.49 5.56
C ARG A 71 25.87 -0.59 5.56
N LEU A 72 26.95 -0.39 4.82
CA LEU A 72 27.89 -1.49 4.57
C LEU A 72 28.65 -2.01 5.80
N PRO A 73 29.23 -1.11 6.61
CA PRO A 73 30.07 -1.55 7.73
C PRO A 73 29.33 -2.50 8.67
N LEU A 74 28.04 -2.27 8.84
CA LEU A 74 27.25 -3.11 9.72
C LEU A 74 27.14 -4.53 9.13
N LEU A 75 26.82 -4.63 7.84
CA LEU A 75 26.78 -5.92 7.17
C LEU A 75 28.13 -6.65 7.25
N LEU A 76 29.21 -5.91 6.98
CA LEU A 76 30.56 -6.48 7.08
C LEU A 76 30.77 -7.04 8.49
N SER A 77 30.37 -6.27 9.48
CA SER A 77 30.52 -6.68 10.87
C SER A 77 29.68 -7.93 11.19
N ARG A 78 28.46 -7.95 10.68
CA ARG A 78 27.56 -9.07 10.92
C ARG A 78 28.08 -10.35 10.25
N LEU A 79 28.72 -10.18 9.11
CA LEU A 79 29.34 -11.31 8.43
C LEU A 79 30.50 -11.86 9.27
N ASP A 80 31.40 -10.97 9.70
CA ASP A 80 32.54 -11.35 10.52
C ASP A 80 32.13 -12.08 11.80
N LYS A 81 30.91 -11.84 12.24
CA LYS A 81 30.51 -12.32 13.56
C LYS A 81 29.60 -13.52 13.48
N GLY A 82 29.35 -13.98 12.26
CA GLY A 82 28.51 -15.16 12.07
C GLY A 82 27.02 -14.89 12.22
N LEU A 83 26.65 -13.62 12.21
CA LEU A 83 25.25 -13.22 12.25
C LEU A 83 24.66 -13.17 10.85
N ALA A 84 25.52 -12.92 9.86
CA ALA A 84 25.14 -13.00 8.46
C ALA A 84 25.91 -14.14 7.79
N ASN A 85 25.18 -14.89 6.95
CA ASN A 85 25.70 -16.03 6.21
C ASN A 85 26.16 -15.60 4.82
N PRO A 86 27.46 -15.71 4.53
CA PRO A 86 28.01 -15.12 3.30
C PRO A 86 27.64 -15.84 1.99
N THR A 87 27.19 -17.09 2.05
CA THR A 87 27.01 -17.88 0.83
C THR A 87 25.57 -18.28 0.53
N THR A 88 24.76 -18.43 1.56
CA THR A 88 23.41 -18.91 1.33
C THR A 88 22.63 -17.96 0.44
N ARG A 89 21.73 -18.53 -0.35
CA ARG A 89 20.82 -17.75 -1.18
C ARG A 89 19.40 -17.98 -0.69
N GLY A 90 19.28 -18.48 0.53
CA GLY A 90 18.00 -18.77 1.12
C GLY A 90 17.47 -20.15 0.73
N ASN A 91 16.49 -20.64 1.47
CA ASN A 91 15.85 -21.91 1.17
C ASN A 91 14.32 -21.79 1.09
N GLY A 92 13.78 -21.91 -0.11
CA GLY A 92 12.35 -21.76 -0.33
C GLY A 92 11.58 -23.06 -0.38
N THR A 93 10.36 -23.05 0.18
CA THR A 93 9.45 -24.17 0.10
C THR A 93 8.10 -23.68 -0.41
N TRP A 94 7.54 -24.38 -1.40
CA TRP A 94 6.20 -24.06 -1.88
C TRP A 94 5.17 -24.62 -0.92
N ARG A 95 4.55 -23.74 -0.15
CA ARG A 95 3.58 -24.17 0.83
C ARG A 95 2.25 -24.45 0.13
N ARG A 96 1.96 -23.64 -0.88
CA ARG A 96 0.81 -23.84 -1.76
C ARG A 96 1.29 -23.54 -3.16
N ALA A 97 0.42 -23.74 -4.15
CA ALA A 97 0.79 -23.53 -5.54
C ALA A 97 1.36 -22.13 -5.79
N SER A 98 0.88 -21.12 -5.07
CA SER A 98 1.29 -19.75 -5.36
C SER A 98 2.03 -19.09 -4.20
N PHE A 99 2.41 -19.88 -3.21
CA PHE A 99 2.94 -19.32 -1.97
C PHE A 99 4.29 -19.94 -1.63
N LEU A 100 5.35 -19.13 -1.75
CA LEU A 100 6.70 -19.57 -1.44
C LEU A 100 7.11 -19.06 -0.05
N SER A 101 7.40 -19.99 0.84
CA SER A 101 7.92 -19.65 2.16
C SER A 101 9.44 -19.76 2.14
N VAL A 102 10.12 -18.67 2.49
CA VAL A 102 11.57 -18.64 2.41
C VAL A 102 12.20 -18.44 3.77
N ASP A 103 13.06 -19.38 4.15
CA ASP A 103 13.96 -19.18 5.27
C ASP A 103 15.26 -18.58 4.72
N GLY A 104 15.56 -17.34 5.11
CA GLY A 104 16.72 -16.63 4.60
C GLY A 104 18.06 -17.21 5.02
N GLU A 105 18.05 -18.03 6.08
CA GLU A 105 19.26 -18.65 6.58
C GLU A 105 20.33 -17.62 6.91
N ARG A 106 19.88 -16.45 7.36
CA ARG A 106 20.78 -15.37 7.79
C ARG A 106 21.53 -14.76 6.60
N GLY A 107 21.02 -15.00 5.39
CA GLY A 107 21.69 -14.53 4.19
C GLY A 107 21.60 -13.03 4.00
N LEU A 108 22.37 -12.52 3.05
CA LEU A 108 22.32 -11.13 2.68
C LEU A 108 20.96 -10.88 2.07
N GLY A 109 20.33 -9.77 2.43
CA GLY A 109 18.99 -9.47 1.94
C GLY A 109 18.79 -9.57 0.44
N PRO A 110 19.53 -8.76 -0.32
CA PRO A 110 19.36 -8.71 -1.78
C PRO A 110 19.61 -10.06 -2.45
N VAL A 111 20.54 -10.85 -1.92
CA VAL A 111 20.82 -12.17 -2.48
C VAL A 111 19.61 -13.09 -2.29
N VAL A 112 18.97 -12.98 -1.13
CA VAL A 112 17.84 -13.86 -0.83
C VAL A 112 16.62 -13.38 -1.61
N MSE A 113 16.42 -12.07 -1.65
CA MSE A 113 15.32 -11.49 -2.40
C MSE A 113 15.37 -11.85 -3.89
O MSE A 113 14.38 -12.30 -4.46
CB MSE A 113 15.30 -9.96 -2.22
CG MSE A 113 14.21 -9.25 -2.98
SE MSE A 113 12.39 -9.83 -2.49
CE MSE A 113 12.17 -8.79 -0.84
N MSE A 114 16.53 -11.63 -4.53
CA MSE A 114 16.63 -11.88 -5.97
C MSE A 114 16.49 -13.36 -6.31
O MSE A 114 16.01 -13.71 -7.39
CB MSE A 114 17.93 -11.30 -6.54
CG MSE A 114 17.97 -9.76 -6.57
SE MSE A 114 16.46 -8.96 -7.53
CE MSE A 114 16.81 -9.67 -9.32
N ASP A 115 16.89 -14.23 -5.40
CA ASP A 115 16.73 -15.65 -5.65
C ASP A 115 15.26 -16.04 -5.55
N ALA A 116 14.59 -15.49 -4.54
CA ALA A 116 13.16 -15.68 -4.36
C ALA A 116 12.39 -15.20 -5.59
N MSE A 117 12.84 -14.10 -6.16
CA MSE A 117 12.20 -13.57 -7.36
C MSE A 117 12.37 -14.53 -8.54
O MSE A 117 11.42 -14.78 -9.29
CB MSE A 117 12.76 -12.18 -7.73
CG MSE A 117 12.04 -11.57 -8.92
SE MSE A 117 12.54 -9.72 -9.35
CE MSE A 117 12.52 -8.96 -7.54
N ARG A 118 13.58 -15.07 -8.70
CA ARG A 118 13.84 -16.02 -9.79
C ARG A 118 12.92 -17.23 -9.67
N VAL A 119 12.81 -17.76 -8.45
CA VAL A 119 12.02 -18.95 -8.19
C VAL A 119 10.51 -18.67 -8.36
N THR A 120 10.03 -17.56 -7.82
CA THR A 120 8.61 -17.27 -7.91
C THR A 120 8.21 -16.95 -9.34
N ARG A 121 9.08 -16.26 -10.08
CA ARG A 121 8.79 -15.90 -11.46
C ARG A 121 8.49 -17.12 -12.35
N ARG A 122 9.18 -18.22 -12.10
CA ARG A 122 9.00 -19.46 -12.86
C ARG A 122 7.55 -19.96 -12.83
N ILE A 123 6.91 -19.76 -11.68
CA ILE A 123 5.57 -20.26 -11.40
C ILE A 123 4.47 -19.40 -12.03
N LEU A 124 4.78 -18.12 -12.27
CA LEU A 124 3.81 -17.13 -12.76
C LEU A 124 3.10 -17.51 -14.06
N LYS A 125 3.82 -18.18 -14.96
CA LYS A 125 3.24 -18.64 -16.20
C LYS A 125 1.98 -19.46 -15.94
N GLU A 126 2.03 -20.30 -14.90
CA GLU A 126 0.88 -21.10 -14.50
C GLU A 126 -0.10 -20.34 -13.60
N THR A 127 0.41 -19.54 -12.67
CA THR A 127 -0.45 -19.05 -11.58
C THR A 127 -0.97 -17.63 -11.76
N GLY A 128 -0.20 -16.80 -12.47
CA GLY A 128 -0.55 -15.40 -12.71
C GLY A 128 -0.24 -14.49 -11.54
N LEU A 129 -0.30 -15.05 -10.33
CA LEU A 129 -0.01 -14.32 -9.10
C LEU A 129 0.74 -15.25 -8.17
N ALA A 130 1.80 -14.74 -7.55
CA ALA A 130 2.57 -15.53 -6.59
C ALA A 130 3.19 -14.65 -5.53
N ILE A 131 3.47 -15.24 -4.38
CA ILE A 131 4.07 -14.49 -3.29
C ILE A 131 5.21 -15.27 -2.65
N ALA A 132 6.28 -14.56 -2.34
CA ALA A 132 7.34 -15.10 -1.52
C ALA A 132 7.41 -14.35 -0.19
N ALA A 133 7.36 -15.11 0.90
CA ALA A 133 7.38 -14.54 2.25
C ALA A 133 8.66 -14.96 2.93
N ILE A 134 9.52 -13.97 3.18
CA ILE A 134 10.88 -14.21 3.65
C ILE A 134 11.06 -13.87 5.11
N ARG A 135 11.75 -14.75 5.84
CA ARG A 135 12.14 -14.51 7.22
C ARG A 135 13.62 -14.79 7.32
N ASN A 136 14.22 -14.40 8.45
CA ASN A 136 15.62 -14.75 8.73
C ASN A 136 16.56 -14.34 7.60
N ALA A 137 16.33 -13.15 7.06
CA ALA A 137 17.24 -12.52 6.09
C ALA A 137 17.66 -11.14 6.59
N ASN A 138 18.82 -10.68 6.14
CA ASN A 138 19.30 -9.36 6.52
C ASN A 138 18.66 -8.26 5.69
N HIS A 139 19.08 -7.04 5.99
CA HIS A 139 18.43 -5.83 5.52
C HIS A 139 18.42 -5.79 4.00
N MSE A 140 17.27 -5.38 3.45
CA MSE A 140 17.01 -5.44 2.01
C MSE A 140 17.54 -4.23 1.26
O MSE A 140 17.63 -4.23 0.02
CB MSE A 140 15.50 -5.53 1.77
CG MSE A 140 14.93 -6.86 2.18
SE MSE A 140 15.68 -8.24 1.02
CE MSE A 140 15.51 -9.77 2.27
N GLY A 141 17.88 -3.18 1.99
CA GLY A 141 18.23 -1.93 1.36
C GLY A 141 17.03 -1.34 0.65
N MSE A 142 17.29 -0.68 -0.48
CA MSE A 142 16.27 0.10 -1.18
C MSE A 142 15.33 -0.77 -1.99
O MSE A 142 15.74 -1.38 -2.96
CB MSE A 142 16.95 1.10 -2.10
CG MSE A 142 16.00 1.84 -3.06
SE MSE A 142 16.98 3.01 -4.31
CE MSE A 142 17.77 1.67 -5.47
N LEU A 143 14.06 -0.81 -1.60
CA LEU A 143 13.12 -1.74 -2.23
C LEU A 143 12.82 -1.43 -3.70
N ALA A 144 13.07 -0.18 -4.13
CA ALA A 144 12.85 0.19 -5.52
C ALA A 144 13.65 -0.70 -6.47
N TYR A 145 14.81 -1.16 -5.99
CA TYR A 145 15.69 -2.00 -6.79
C TYR A 145 14.94 -3.25 -7.29
N TYR A 146 14.22 -3.89 -6.38
CA TYR A 146 13.48 -5.11 -6.67
C TYR A 146 12.23 -4.79 -7.48
N ALA A 147 11.47 -3.79 -7.08
CA ALA A 147 10.29 -3.35 -7.84
C ALA A 147 10.67 -3.06 -9.29
N GLU A 148 11.81 -2.40 -9.47
CA GLU A 148 12.26 -2.04 -10.81
C GLU A 148 12.64 -3.27 -11.61
N ALA A 149 13.30 -4.22 -10.95
CA ALA A 149 13.76 -5.44 -11.61
C ALA A 149 12.54 -6.22 -12.12
N ALA A 150 11.50 -6.29 -11.30
CA ALA A 150 10.29 -6.98 -11.70
C ALA A 150 9.69 -6.26 -12.91
N ALA A 151 9.60 -4.94 -12.83
CA ALA A 151 8.99 -4.15 -13.90
C ALA A 151 9.77 -4.26 -15.20
N ARG A 152 11.09 -4.33 -15.10
CA ARG A 152 11.90 -4.43 -16.31
C ARG A 152 11.69 -5.79 -16.99
N ASP A 153 11.39 -6.80 -16.19
CA ASP A 153 11.04 -8.12 -16.70
C ASP A 153 9.58 -8.17 -17.14
N GLY A 154 8.94 -7.02 -17.20
CA GLY A 154 7.57 -6.95 -17.67
C GLY A 154 6.56 -7.47 -16.66
N LEU A 155 6.97 -7.52 -15.39
CA LEU A 155 6.06 -7.96 -14.32
C LEU A 155 5.65 -6.82 -13.40
N ILE A 156 4.51 -7.00 -12.74
CA ILE A 156 4.14 -6.12 -11.63
C ILE A 156 4.77 -6.68 -10.36
N GLY A 157 5.52 -5.84 -9.66
CA GLY A 157 6.21 -6.25 -8.45
C GLY A 157 5.82 -5.40 -7.26
N ILE A 158 5.41 -6.05 -6.18
CA ILE A 158 5.03 -5.38 -4.95
C ILE A 158 5.92 -5.91 -3.83
N VAL A 159 6.60 -4.99 -3.14
CA VAL A 159 7.61 -5.38 -2.17
C VAL A 159 7.41 -4.68 -0.84
N MSE A 160 7.58 -5.42 0.25
CA MSE A 160 7.45 -4.89 1.60
C MSE A 160 8.55 -5.47 2.49
O MSE A 160 9.01 -6.60 2.27
CB MSE A 160 6.11 -5.25 2.23
CG MSE A 160 4.96 -4.38 1.81
SE MSE A 160 3.24 -5.29 2.09
CE MSE A 160 3.50 -5.96 3.90
N SER A 161 8.94 -4.71 3.49
CA SER A 161 9.94 -5.16 4.45
C SER A 161 9.65 -4.42 5.73
N THR A 162 9.84 -5.10 6.86
CA THR A 162 9.68 -4.48 8.16
C THR A 162 11.04 -4.20 8.82
N SER A 163 11.02 -3.72 10.07
CA SER A 163 12.24 -3.27 10.73
C SER A 163 12.11 -3.24 12.24
N GLU A 164 13.15 -2.78 12.92
CA GLU A 164 13.10 -2.45 14.33
C GLU A 164 11.98 -1.43 14.54
N ALA A 165 11.33 -1.51 15.70
CA ALA A 165 10.33 -0.53 16.09
C ALA A 165 10.97 0.85 16.15
N LEU A 166 10.62 1.72 15.20
CA LEU A 166 11.22 3.05 15.14
C LEU A 166 10.18 4.14 15.01
N VAL A 167 8.93 3.75 14.80
CA VAL A 167 7.87 4.68 14.40
C VAL A 167 6.73 4.61 15.39
N HIS A 168 6.25 5.75 15.85
CA HIS A 168 5.11 5.71 16.77
C HIS A 168 3.80 5.72 16.02
N PRO A 169 2.74 5.17 16.63
CA PRO A 169 1.43 5.26 15.97
C PRO A 169 0.98 6.71 15.93
N PHE A 170 0.03 7.01 15.05
CA PHE A 170 -0.64 8.29 15.08
C PHE A 170 -1.36 8.40 16.43
N GLY A 171 -1.14 9.50 17.15
CA GLY A 171 -1.73 9.67 18.47
C GLY A 171 -0.91 9.09 19.61
N GLY A 172 0.19 8.42 19.28
CA GLY A 172 1.08 7.81 20.27
C GLY A 172 2.49 8.36 20.15
N THR A 173 3.35 8.06 21.11
CA THR A 173 4.68 8.65 21.12
C THR A 173 5.78 7.63 21.37
N GLN A 174 5.43 6.35 21.36
CA GLN A 174 6.40 5.27 21.55
C GLN A 174 6.68 4.57 20.23
N ALA A 175 7.94 4.22 20.03
CA ALA A 175 8.36 3.43 18.88
C ALA A 175 7.78 2.02 18.97
N LEU A 176 6.89 1.67 18.05
CA LEU A 176 6.19 0.37 18.12
C LEU A 176 6.00 -0.27 16.76
N ILE A 177 6.29 0.51 15.72
CA ILE A 177 6.07 0.09 14.34
C ILE A 177 7.37 0.32 13.57
N GLY A 178 7.61 -0.50 12.55
CA GLY A 178 8.81 -0.35 11.74
C GLY A 178 8.67 0.76 10.73
N THR A 179 9.76 1.09 10.04
CA THR A 179 9.70 2.10 8.99
C THR A 179 8.89 1.60 7.78
N ASN A 180 8.79 0.28 7.66
CA ASN A 180 7.83 -0.40 6.77
C ASN A 180 7.58 0.22 5.41
N PRO A 181 8.60 0.18 4.54
CA PRO A 181 8.44 0.65 3.16
C PRO A 181 7.62 -0.35 2.34
N VAL A 182 6.92 0.19 1.34
CA VAL A 182 6.36 -0.64 0.29
C VAL A 182 6.82 -0.07 -1.05
N ALA A 183 7.20 -0.95 -1.97
CA ALA A 183 7.56 -0.54 -3.31
C ALA A 183 6.67 -1.20 -4.36
N ILE A 184 6.29 -0.46 -5.39
CA ILE A 184 5.46 -1.00 -6.46
C ILE A 184 6.06 -0.72 -7.84
N GLY A 185 6.37 -1.78 -8.58
CA GLY A 185 6.89 -1.64 -9.93
C GLY A 185 5.86 -2.06 -10.96
N ILE A 186 5.65 -1.21 -11.96
CA ILE A 186 4.66 -1.51 -12.99
C ILE A 186 5.24 -1.25 -14.38
N PRO A 187 5.21 -2.27 -15.24
CA PRO A 187 5.74 -2.06 -16.59
C PRO A 187 5.03 -0.91 -17.28
N ALA A 188 5.81 -0.04 -17.89
CA ALA A 188 5.29 1.03 -18.73
C ALA A 188 6.02 0.81 -20.04
N ALA A 189 5.91 1.72 -20.99
CA ALA A 189 6.60 1.50 -22.26
C ALA A 189 8.10 1.43 -21.99
N GLY A 190 8.78 2.55 -22.17
CA GLY A 190 10.19 2.61 -21.85
C GLY A 190 10.35 2.47 -20.36
N HIS A 191 10.56 3.59 -19.68
CA HIS A 191 10.83 3.61 -18.26
C HIS A 191 9.62 3.17 -17.43
N PRO A 192 9.85 2.23 -16.50
CA PRO A 192 8.77 1.68 -15.68
C PRO A 192 8.29 2.64 -14.60
N PHE A 193 7.01 2.53 -14.25
CA PHE A 193 6.49 3.15 -13.05
C PHE A 193 7.16 2.48 -11.85
N VAL A 194 7.80 3.27 -10.99
CA VAL A 194 8.50 2.71 -9.84
C VAL A 194 8.25 3.53 -8.57
N LEU A 195 7.37 3.01 -7.71
CA LEU A 195 7.03 3.66 -6.46
C LEU A 195 7.76 2.97 -5.31
N ASP A 196 8.37 3.77 -4.43
CA ASP A 196 9.06 3.26 -3.24
C ASP A 196 8.90 4.28 -2.13
N LEU A 197 8.22 3.90 -1.05
CA LEU A 197 8.00 4.86 0.02
C LEU A 197 7.95 4.23 1.39
N ALA A 198 8.64 4.87 2.33
CA ALA A 198 8.52 4.51 3.73
C ALA A 198 7.20 5.05 4.22
N THR A 199 6.54 4.29 5.09
CA THR A 199 5.31 4.76 5.69
C THR A 199 5.61 5.65 6.89
N SER A 200 6.89 5.78 7.23
CA SER A 200 7.31 6.78 8.20
C SER A 200 7.56 8.10 7.47
N ILE A 201 7.53 9.20 8.19
CA ILE A 201 7.68 10.51 7.56
C ILE A 201 9.12 10.71 7.10
N VAL A 202 10.04 10.02 7.75
CA VAL A 202 11.45 10.04 7.38
C VAL A 202 12.07 8.70 7.76
N SER A 203 13.21 8.39 7.14
CA SER A 203 13.98 7.21 7.49
C SER A 203 14.82 7.42 8.76
N MSE A 204 15.07 6.36 9.51
CA MSE A 204 15.97 6.46 10.66
C MSE A 204 17.39 6.62 10.12
O MSE A 204 18.23 7.31 10.70
CB MSE A 204 15.87 5.23 11.56
CG MSE A 204 16.69 5.33 12.83
SE MSE A 204 16.37 6.96 13.88
CE MSE A 204 14.81 6.46 14.95
N GLY A 205 17.65 5.95 8.99
CA GLY A 205 18.90 6.11 8.28
C GLY A 205 19.23 7.58 8.06
N LYS A 206 18.24 8.35 7.63
CA LYS A 206 18.44 9.79 7.40
C LYS A 206 18.67 10.54 8.71
N ILE A 207 18.00 10.10 9.77
CA ILE A 207 18.19 10.76 11.05
C ILE A 207 19.60 10.48 11.57
N ASN A 208 20.08 9.26 11.36
CA ASN A 208 21.43 8.87 11.77
C ASN A 208 22.46 9.75 11.07
N ASN A 209 22.24 9.97 9.77
CA ASN A 209 23.08 10.85 8.99
C ASN A 209 23.10 12.27 9.58
N HIS A 210 21.96 12.75 10.05
CA HIS A 210 21.95 14.02 10.76
C HIS A 210 22.75 13.95 12.07
N ALA A 211 22.46 12.95 12.89
CA ALA A 211 23.17 12.80 14.17
C ALA A 211 24.67 12.81 13.90
N MSE A 212 25.07 12.03 12.88
CA MSE A 212 26.46 11.85 12.53
C MSE A 212 27.14 13.19 12.28
O MSE A 212 28.25 13.43 12.74
CB MSE A 212 26.56 10.98 11.27
CG MSE A 212 27.80 10.08 11.21
SE MSE A 212 28.58 9.92 9.42
CE MSE A 212 29.24 11.76 9.21
N ARG A 213 26.43 14.08 11.57
CA ARG A 213 27.03 15.31 11.06
C ARG A 213 26.76 16.50 11.96
N GLY A 214 26.17 16.26 13.13
CA GLY A 214 25.91 17.32 14.08
C GLY A 214 24.81 18.27 13.64
N LEU A 215 23.92 17.80 12.77
CA LEU A 215 22.84 18.64 12.28
C LEU A 215 21.52 18.42 13.02
N ALA A 216 20.83 19.52 13.28
CA ALA A 216 19.45 19.46 13.76
C ALA A 216 18.54 18.81 12.73
N ILE A 217 17.36 18.40 13.18
CA ILE A 217 16.38 17.83 12.27
C ILE A 217 15.12 18.66 12.31
N PRO A 218 14.41 18.75 11.16
CA PRO A 218 13.21 19.59 11.17
C PRO A 218 12.27 19.14 12.28
N PRO A 219 11.54 20.09 12.87
CA PRO A 219 10.55 19.75 13.89
C PRO A 219 9.46 18.91 13.23
N GLY A 220 8.91 17.95 13.96
CA GLY A 220 7.85 17.12 13.41
C GLY A 220 8.28 15.74 12.93
N TRP A 221 9.58 15.54 12.75
CA TRP A 221 10.07 14.23 12.34
C TRP A 221 9.93 13.22 13.46
N ALA A 222 10.30 13.64 14.67
CA ALA A 222 10.49 12.70 15.76
C ALA A 222 10.19 13.27 17.14
N VAL A 223 10.04 12.36 18.11
CA VAL A 223 9.92 12.73 19.51
C VAL A 223 11.04 12.00 20.22
N ASP A 224 11.41 12.46 21.41
CA ASP A 224 12.47 11.79 22.15
C ASP A 224 11.90 10.58 22.88
N ARG A 225 12.75 9.93 23.67
CA ARG A 225 12.38 8.73 24.40
C ARG A 225 11.22 8.96 25.39
N ASP A 226 11.01 10.20 25.79
CA ASP A 226 9.93 10.50 26.70
C ASP A 226 8.64 10.81 25.96
N GLY A 227 8.76 10.97 24.64
CA GLY A 227 7.61 11.31 23.81
C GLY A 227 7.47 12.79 23.54
N ARG A 228 8.51 13.56 23.85
CA ARG A 228 8.46 15.00 23.61
C ARG A 228 9.06 15.36 22.26
N ALA A 229 8.35 16.20 21.50
CA ALA A 229 8.86 16.65 20.21
C ALA A 229 10.31 17.10 20.33
N THR A 230 11.15 16.66 19.40
CA THR A 230 12.56 17.04 19.45
C THR A 230 13.14 17.41 18.09
N THR A 231 14.11 18.32 18.09
CA THR A 231 14.87 18.65 16.89
C THR A 231 16.29 18.11 17.00
N ASP A 232 16.54 17.35 18.05
CA ASP A 232 17.87 16.80 18.32
C ASP A 232 17.95 15.38 17.76
N PRO A 233 18.82 15.16 16.77
CA PRO A 233 18.87 13.85 16.09
C PRO A 233 19.29 12.72 17.01
N HIS A 234 20.17 13.02 17.95
CA HIS A 234 20.60 12.02 18.93
C HIS A 234 19.44 11.64 19.84
N ALA A 235 18.62 12.61 20.19
CA ALA A 235 17.42 12.33 20.96
C ALA A 235 16.48 11.49 20.09
N ALA A 236 16.18 11.97 18.89
CA ALA A 236 15.37 11.23 17.94
C ALA A 236 15.81 9.76 17.81
N GLN A 237 17.11 9.51 17.79
CA GLN A 237 17.62 8.16 17.61
C GLN A 237 17.06 7.23 18.69
N ALA A 238 16.90 7.76 19.89
CA ALA A 238 16.41 6.97 21.01
C ALA A 238 14.90 7.15 21.19
N GLY A 239 14.28 7.87 20.26
CA GLY A 239 12.87 8.19 20.37
C GLY A 239 11.99 7.45 19.39
N ALA A 240 11.11 8.19 18.71
CA ALA A 240 10.21 7.58 17.74
C ALA A 240 9.88 8.56 16.60
N ILE A 241 9.76 8.01 15.41
CA ILE A 241 9.52 8.80 14.21
C ILE A 241 8.03 8.79 13.96
N ALA A 242 7.52 9.88 13.40
CA ALA A 242 6.11 9.97 13.05
C ALA A 242 5.82 9.22 11.74
N PRO A 243 4.58 8.74 11.59
CA PRO A 243 4.14 8.18 10.30
C PRO A 243 3.96 9.34 9.32
N PHE A 244 4.05 9.07 8.02
CA PHE A 244 3.70 10.09 7.05
C PHE A 244 2.19 10.07 6.91
N GLY A 245 1.61 11.16 6.42
CA GLY A 245 0.19 11.19 6.11
C GLY A 245 -0.72 10.91 7.28
N ASP A 246 -0.27 11.24 8.49
CA ASP A 246 -1.11 11.14 9.67
C ASP A 246 -1.77 9.76 9.85
N ALA A 247 -3.06 9.73 10.12
CA ALA A 247 -3.73 8.47 10.46
C ALA A 247 -3.68 7.48 9.30
N LYS A 248 -3.65 8.02 8.10
CA LYS A 248 -3.67 7.18 6.90
C LYS A 248 -2.33 6.48 6.70
N GLY A 249 -1.24 7.23 6.84
CA GLY A 249 0.08 6.64 6.74
C GLY A 249 0.33 5.65 7.86
N TYR A 250 -0.20 5.95 9.04
CA TYR A 250 -0.12 5.03 10.16
C TYR A 250 -0.90 3.75 9.84
N GLY A 251 -2.13 3.92 9.37
CA GLY A 251 -2.92 2.78 8.94
C GLY A 251 -2.12 1.88 8.02
N LEU A 252 -1.44 2.48 7.04
CA LEU A 252 -0.71 1.71 6.05
C LEU A 252 0.52 1.02 6.61
N GLY A 253 1.28 1.74 7.43
CA GLY A 253 2.48 1.17 8.06
C GLY A 253 2.12 -0.04 8.90
N LEU A 254 1.02 0.08 9.65
CA LEU A 254 0.53 -0.98 10.52
C LEU A 254 0.02 -2.18 9.73
N ALA A 255 -0.72 -1.92 8.64
CA ALA A 255 -1.12 -2.98 7.75
C ALA A 255 0.11 -3.77 7.31
N ILE A 256 1.12 -3.06 6.82
CA ILE A 256 2.35 -3.69 6.37
C ILE A 256 2.94 -4.56 7.48
N GLU A 257 3.04 -3.99 8.67
CA GLU A 257 3.57 -4.70 9.83
C GLU A 257 2.88 -6.05 9.99
N LEU A 258 1.56 -6.03 9.95
CA LEU A 258 0.74 -7.20 10.23
C LEU A 258 0.81 -8.22 9.10
N LEU A 259 0.75 -7.74 7.85
CA LEU A 259 0.88 -8.63 6.71
C LEU A 259 2.23 -9.34 6.73
N VAL A 260 3.31 -8.59 6.96
CA VAL A 260 4.62 -9.21 6.94
C VAL A 260 4.75 -10.31 8.01
N ALA A 261 4.41 -9.98 9.25
CA ALA A 261 4.46 -10.95 10.34
C ALA A 261 3.62 -12.19 10.04
N ALA A 262 2.36 -11.97 9.70
CA ALA A 262 1.42 -13.06 9.47
C ALA A 262 1.92 -14.03 8.41
N LEU A 263 2.43 -13.49 7.31
CA LEU A 263 2.79 -14.33 6.17
C LEU A 263 4.24 -14.81 6.21
N ALA A 264 5.17 -13.93 6.57
CA ALA A 264 6.58 -14.29 6.62
C ALA A 264 6.93 -15.05 7.90
N GLY A 265 6.12 -14.82 8.94
CA GLY A 265 6.38 -15.43 10.23
C GLY A 265 7.62 -14.83 10.87
N SER A 266 7.84 -13.56 10.61
CA SER A 266 8.92 -12.82 11.25
C SER A 266 8.36 -12.22 12.52
N ASN A 267 9.18 -11.52 13.29
CA ASN A 267 8.72 -10.87 14.51
C ASN A 267 8.11 -9.50 14.29
N LEU A 268 7.14 -9.16 15.14
CA LEU A 268 6.60 -7.80 15.17
C LEU A 268 7.67 -6.80 15.62
N ALA A 269 7.57 -5.57 15.09
CA ALA A 269 8.59 -4.54 15.31
C ALA A 269 9.23 -4.49 16.70
N PRO A 270 8.41 -4.43 17.76
CA PRO A 270 9.02 -4.30 19.10
C PRO A 270 10.03 -5.41 19.42
N ASP A 271 9.90 -6.56 18.78
CA ASP A 271 10.83 -7.68 19.02
C ASP A 271 11.91 -7.76 17.97
N VAL A 272 11.91 -6.81 17.03
CA VAL A 272 12.83 -6.90 15.90
C VAL A 272 14.20 -6.30 16.18
N ASN A 273 15.25 -7.05 15.86
CA ASN A 273 16.62 -6.51 15.88
C ASN A 273 17.37 -6.96 14.62
N GLY A 274 18.69 -6.75 14.64
CA GLY A 274 19.56 -7.35 13.64
C GLY A 274 19.74 -6.57 12.36
N THR A 275 19.15 -5.37 12.31
CA THR A 275 19.31 -4.51 11.15
C THR A 275 20.21 -3.31 11.47
N LEU A 276 20.01 -2.74 12.65
CA LEU A 276 20.79 -1.59 13.09
C LEU A 276 21.79 -1.97 14.18
N ASP A 277 22.01 -3.27 14.38
CA ASP A 277 23.01 -3.73 15.33
C ASP A 277 23.76 -4.90 14.72
N ASP A 278 24.88 -5.25 15.34
CA ASP A 278 25.63 -6.42 14.90
C ASP A 278 25.72 -7.38 16.08
N ILE A 279 24.61 -7.55 16.78
CA ILE A 279 24.58 -8.39 17.97
C ILE A 279 23.54 -9.52 17.85
N HIS A 280 22.40 -9.19 17.27
CA HIS A 280 21.25 -10.08 17.26
C HIS A 280 20.90 -10.55 15.87
N PRO A 281 20.25 -11.72 15.79
CA PRO A 281 19.73 -12.25 14.52
C PRO A 281 18.81 -11.22 13.86
N ALA A 282 18.90 -11.06 12.55
CA ALA A 282 17.92 -10.25 11.83
C ALA A 282 16.60 -11.03 11.82
N ASN A 283 15.56 -10.48 12.44
CA ASN A 283 14.30 -11.22 12.58
C ASN A 283 13.07 -10.44 12.07
N LYS A 284 13.31 -9.52 11.15
CA LYS A 284 12.25 -8.82 10.44
C LYS A 284 11.79 -9.71 9.27
N GLY A 285 10.77 -9.27 8.54
CA GLY A 285 10.27 -10.05 7.42
C GLY A 285 10.17 -9.22 6.15
N ASP A 286 10.00 -9.90 5.01
CA ASP A 286 9.85 -9.26 3.71
C ASP A 286 8.84 -10.05 2.90
N LEU A 287 8.09 -9.34 2.07
CA LEU A 287 7.12 -9.92 1.18
C LEU A 287 7.39 -9.42 -0.23
N LEU A 288 7.32 -10.35 -1.17
CA LEU A 288 7.39 -10.04 -2.58
C LEU A 288 6.15 -10.64 -3.27
N ILE A 289 5.36 -9.80 -3.92
CA ILE A 289 4.23 -10.27 -4.69
C ILE A 289 4.46 -9.94 -6.15
N LEU A 290 4.46 -10.97 -6.99
CA LEU A 290 4.58 -10.78 -8.42
C LEU A 290 3.25 -11.06 -9.10
N ILE A 291 2.99 -10.31 -10.16
CA ILE A 291 1.78 -10.49 -10.96
C ILE A 291 2.11 -10.34 -12.43
N ASP A 292 1.69 -11.32 -13.22
CA ASP A 292 1.88 -11.29 -14.66
C ASP A 292 0.78 -10.42 -15.28
N PRO A 293 1.14 -9.21 -15.77
CA PRO A 293 0.12 -8.36 -16.41
C PRO A 293 -0.59 -9.08 -17.56
N SER A 294 0.07 -10.04 -18.20
CA SER A 294 -0.52 -10.71 -19.35
C SER A 294 -1.71 -11.62 -18.97
N ALA A 295 -1.82 -11.97 -17.70
CA ALA A 295 -2.99 -12.68 -17.22
C ALA A 295 -4.20 -11.75 -17.18
N GLY A 296 -3.93 -10.45 -17.14
CA GLY A 296 -4.98 -9.45 -16.98
C GLY A 296 -5.63 -9.08 -18.30
N ALA A 297 -6.58 -8.16 -18.23
CA ALA A 297 -7.38 -7.81 -19.39
C ALA A 297 -7.05 -6.40 -19.88
N GLY A 298 -6.07 -5.77 -19.24
CA GLY A 298 -5.74 -4.38 -19.55
C GLY A 298 -4.63 -4.23 -20.58
N SER A 299 -4.15 -3.01 -20.76
CA SER A 299 -3.12 -2.73 -21.76
C SER A 299 -1.95 -1.92 -21.21
N ILE A 300 -0.78 -2.55 -21.15
CA ILE A 300 0.41 -1.85 -20.70
C ILE A 300 0.72 -0.62 -21.55
N PRO A 301 0.60 -0.73 -22.89
CA PRO A 301 0.83 0.44 -23.73
C PRO A 301 -0.15 1.58 -23.48
N ALA A 302 -1.39 1.26 -23.08
CA ALA A 302 -2.34 2.30 -22.72
C ALA A 302 -1.90 2.97 -21.43
N LEU A 303 -1.21 2.22 -20.58
CA LEU A 303 -0.64 2.80 -19.36
C LEU A 303 0.38 3.87 -19.71
N ALA A 304 1.23 3.56 -20.68
CA ALA A 304 2.28 4.49 -21.10
C ALA A 304 1.71 5.82 -21.56
N ALA A 305 0.74 5.78 -22.47
CA ALA A 305 0.13 7.00 -22.98
C ALA A 305 -0.50 7.82 -21.87
N TYR A 306 -1.11 7.15 -20.90
CA TYR A 306 -1.73 7.84 -19.76
C TYR A 306 -0.69 8.53 -18.89
N LEU A 307 0.44 7.88 -18.66
CA LEU A 307 1.49 8.50 -17.86
C LEU A 307 2.09 9.73 -18.59
N ASP A 308 2.27 9.63 -19.90
CA ASP A 308 2.75 10.76 -20.67
C ASP A 308 1.79 11.94 -20.53
N ARG A 309 0.50 11.65 -20.66
CA ARG A 309 -0.54 12.64 -20.47
C ARG A 309 -0.38 13.36 -19.13
N LEU A 310 -0.19 12.59 -18.06
CA LEU A 310 0.01 13.16 -16.73
C LEU A 310 1.22 14.09 -16.68
N ARG A 311 2.32 13.67 -17.29
CA ARG A 311 3.55 14.48 -17.32
C ARG A 311 3.34 15.82 -18.00
N LEU A 312 2.43 15.86 -18.98
CA LEU A 312 2.19 17.07 -19.76
C LEU A 312 0.98 17.84 -19.29
N SER A 313 0.36 17.38 -18.20
CA SER A 313 -0.84 18.03 -17.70
C SER A 313 -0.48 19.31 -16.99
N ARG A 314 -1.49 20.14 -16.71
CA ARG A 314 -1.26 21.45 -16.12
C ARG A 314 -0.58 21.40 -14.76
N PRO A 315 0.65 21.95 -14.69
CA PRO A 315 1.44 21.96 -13.46
C PRO A 315 1.00 23.09 -12.54
N LEU A 316 1.12 22.89 -11.23
CA LEU A 316 0.92 23.97 -10.28
C LEU A 316 1.98 25.01 -10.59
N ASP A 317 3.19 24.51 -10.86
CA ASP A 317 4.34 25.35 -11.17
C ASP A 317 4.90 24.93 -12.52
N PRO A 318 4.87 25.85 -13.50
CA PRO A 318 5.28 25.55 -14.89
C PRO A 318 6.72 25.07 -14.96
N THR A 319 7.56 25.58 -14.08
CA THR A 319 8.96 25.19 -14.10
C THR A 319 9.14 23.76 -13.61
N GLN A 320 8.15 23.24 -12.89
CA GLN A 320 8.25 21.90 -12.31
C GLN A 320 7.10 21.01 -12.75
N PRO A 321 7.25 20.36 -13.92
CA PRO A 321 6.21 19.53 -14.53
C PRO A 321 5.80 18.38 -13.62
N VAL A 322 4.55 17.93 -13.72
CA VAL A 322 4.11 16.75 -13.00
C VAL A 322 5.08 15.62 -13.30
N ALA A 323 5.51 14.91 -12.27
CA ALA A 323 6.39 13.76 -12.46
C ALA A 323 5.68 12.45 -12.13
N ILE A 324 6.16 11.36 -12.74
CA ILE A 324 5.72 10.02 -12.41
C ILE A 324 6.74 9.35 -11.47
N PRO A 325 6.26 8.64 -10.44
CA PRO A 325 7.17 7.95 -9.51
C PRO A 325 8.24 7.17 -10.26
N GLY A 326 9.49 7.47 -9.97
CA GLY A 326 10.59 6.89 -10.72
C GLY A 326 11.34 7.88 -11.62
N ASP A 327 10.69 8.96 -12.02
CA ASP A 327 11.37 9.99 -12.83
C ASP A 327 12.52 10.62 -12.06
N GLY A 328 12.24 11.13 -10.87
CA GLY A 328 13.25 11.80 -10.08
C GLY A 328 14.48 10.92 -9.87
N ALA A 329 14.25 9.70 -9.41
CA ALA A 329 15.33 8.76 -9.15
C ALA A 329 16.19 8.57 -10.40
N ARG A 330 15.53 8.40 -11.53
CA ARG A 330 16.25 8.22 -12.79
C ARG A 330 17.06 9.45 -13.19
N ALA A 331 16.48 10.63 -13.03
CA ALA A 331 17.22 11.86 -13.30
C ALA A 331 18.42 12.01 -12.38
N ARG A 332 18.25 11.68 -11.09
CA ARG A 332 19.37 11.76 -10.15
C ARG A 332 20.46 10.74 -10.48
N ARG A 333 20.05 9.53 -10.87
CA ARG A 333 21.04 8.49 -11.17
C ARG A 333 21.93 8.93 -12.33
N ALA A 334 21.29 9.42 -13.39
CA ALA A 334 22.00 9.86 -14.58
C ALA A 334 23.02 10.95 -14.26
N ALA A 335 22.67 11.85 -13.35
CA ALA A 335 23.56 12.95 -13.00
C ALA A 335 24.73 12.50 -12.12
N ALA A 336 24.50 11.55 -11.23
CA ALA A 336 25.55 11.09 -10.33
C ALA A 336 26.52 10.14 -11.01
N ALA A 337 26.04 9.39 -12.00
CA ALA A 337 26.93 8.51 -12.74
C ALA A 337 27.94 9.37 -13.47
N LYS A 338 27.52 10.57 -13.84
CA LYS A 338 28.36 11.51 -14.54
C LYS A 338 29.32 12.21 -13.57
N THR A 339 28.77 12.83 -12.54
CA THR A 339 29.54 13.71 -11.67
C THR A 339 30.18 12.98 -10.50
N GLY A 340 29.70 11.78 -10.20
CA GLY A 340 30.23 11.01 -9.08
C GLY A 340 29.32 10.99 -7.86
N ILE A 341 29.69 10.17 -6.89
CA ILE A 341 28.95 10.05 -5.63
C ILE A 341 29.61 10.83 -4.50
N GLU A 342 28.83 11.61 -3.77
CA GLU A 342 29.33 12.29 -2.59
C GLU A 342 29.02 11.46 -1.35
N LEU A 343 30.05 11.05 -0.62
CA LEU A 343 29.80 10.45 0.68
C LEU A 343 30.63 11.14 1.76
N PRO A 344 30.13 11.10 3.00
CA PRO A 344 30.82 11.70 4.14
C PRO A 344 32.23 11.15 4.27
N GLN A 345 33.22 12.04 4.45
CA GLN A 345 34.61 11.61 4.58
C GLN A 345 34.80 10.58 5.69
N PRO A 346 34.10 10.73 6.83
CA PRO A 346 34.27 9.74 7.89
C PRO A 346 33.91 8.34 7.41
N LEU A 347 32.84 8.22 6.61
CA LEU A 347 32.44 6.93 6.07
C LEU A 347 33.51 6.41 5.11
N PHE A 348 34.00 7.27 4.22
CA PHE A 348 35.04 6.85 3.28
C PHE A 348 36.30 6.37 4.00
N ASP A 349 36.70 7.07 5.06
CA ASP A 349 37.88 6.67 5.82
C ASP A 349 37.63 5.32 6.51
N HIS A 350 36.39 5.12 6.95
CA HIS A 350 36.00 3.91 7.65
C HIS A 350 36.17 2.70 6.73
N LEU A 351 35.53 2.75 5.57
CA LEU A 351 35.65 1.69 4.59
C LEU A 351 37.10 1.47 4.19
N THR A 352 37.82 2.54 3.99
CA THR A 352 39.23 2.51 3.67
C THR A 352 40.09 1.82 4.72
N ALA A 353 39.87 2.10 5.97
CA ALA A 353 40.45 1.34 7.05
C ALA A 353 40.10 -0.15 6.99
N LEU A 354 38.85 -0.46 6.72
CA LEU A 354 38.41 -1.83 6.64
C LEU A 354 39.06 -2.54 5.48
N GLU A 355 39.23 -1.85 4.38
CA GLU A 355 39.99 -2.32 3.23
C GLU A 355 41.40 -2.76 3.63
N ALA A 356 41.98 -2.12 4.64
CA ALA A 356 43.37 -2.37 5.00
C ALA A 356 43.53 -2.94 6.41
N SER B 22 -33.07 19.84 7.11
CA SER B 22 -34.14 19.11 7.79
C SER B 22 -33.85 17.61 7.92
N MSE B 23 -33.49 17.18 9.14
CA MSE B 23 -33.02 15.82 9.40
C MSE B 23 -34.03 14.98 10.17
O MSE B 23 -34.94 15.51 10.81
CB MSE B 23 -31.75 15.86 10.24
CG MSE B 23 -30.65 16.72 9.68
SE MSE B 23 -30.15 16.12 7.90
CE MSE B 23 -29.25 14.43 8.38
N MSE B 24 -33.82 13.67 10.15
CA MSE B 24 -34.60 12.78 11.01
C MSE B 24 -33.76 11.55 11.40
O MSE B 24 -32.77 11.26 10.76
CB MSE B 24 -35.89 12.35 10.33
CG MSE B 24 -35.73 11.77 8.95
SE MSE B 24 -37.47 11.64 8.07
CE MSE B 24 -38.48 10.71 9.47
N ARG B 25 -34.20 10.87 12.44
CA ARG B 25 -33.46 9.72 12.96
C ARG B 25 -34.34 8.49 12.97
N LEU B 26 -33.83 7.41 12.39
CA LEU B 26 -34.64 6.22 12.18
C LEU B 26 -33.90 4.95 12.59
N PRO B 27 -34.66 3.92 13.00
CA PRO B 27 -34.05 2.63 13.28
C PRO B 27 -33.41 2.08 12.01
N PRO B 28 -32.21 1.51 12.12
CA PRO B 28 -31.55 0.89 10.97
C PRO B 28 -32.44 -0.13 10.26
N ALA B 29 -33.18 -0.93 11.03
CA ALA B 29 -34.05 -1.96 10.46
C ALA B 29 -35.11 -1.38 9.53
N ARG B 30 -35.62 -0.20 9.87
CA ARG B 30 -36.58 0.48 9.02
C ARG B 30 -35.95 0.90 7.70
N LEU B 31 -34.70 1.36 7.77
CA LEU B 31 -34.00 1.78 6.57
C LEU B 31 -33.64 0.57 5.72
N ARG B 32 -33.11 -0.47 6.35
CA ARG B 32 -32.83 -1.73 5.67
C ARG B 32 -34.07 -2.25 4.94
N ASN B 33 -35.17 -2.40 5.68
CA ASN B 33 -36.41 -2.89 5.06
C ASN B 33 -36.85 -2.06 3.86
N LEU B 34 -36.82 -0.74 4.01
CA LEU B 34 -37.19 0.18 2.95
C LEU B 34 -36.29 0.00 1.71
N SER B 35 -34.99 -0.17 1.92
CA SER B 35 -34.03 -0.34 0.82
C SER B 35 -34.24 -1.66 0.08
N VAL B 36 -34.47 -2.71 0.86
CA VAL B 36 -34.64 -4.04 0.32
C VAL B 36 -35.87 -4.10 -0.56
N ALA B 37 -36.98 -3.55 -0.08
CA ALA B 37 -38.21 -3.52 -0.85
C ALA B 37 -38.02 -2.81 -2.19
N LEU B 38 -37.37 -1.65 -2.15
CA LEU B 38 -37.10 -0.89 -3.36
C LEU B 38 -36.28 -1.67 -4.37
N LEU B 39 -35.34 -2.46 -3.88
CA LEU B 39 -34.50 -3.27 -4.73
C LEU B 39 -35.29 -4.45 -5.29
N GLU B 40 -36.03 -5.12 -4.42
CA GLU B 40 -36.80 -6.29 -4.84
C GLU B 40 -37.85 -5.91 -5.88
N LYS B 41 -38.46 -4.75 -5.68
CA LYS B 41 -39.40 -4.17 -6.64
C LYS B 41 -38.86 -4.24 -8.06
N ARG B 42 -37.54 -4.16 -8.17
CA ARG B 42 -36.92 -4.04 -9.48
C ARG B 42 -36.31 -5.35 -9.93
N GLY B 43 -36.72 -6.44 -9.29
CA GLY B 43 -36.29 -7.75 -9.72
C GLY B 43 -34.99 -8.24 -9.10
N VAL B 44 -34.47 -7.53 -8.10
CA VAL B 44 -33.29 -8.00 -7.38
C VAL B 44 -33.68 -9.11 -6.40
N PRO B 45 -33.02 -10.27 -6.50
CA PRO B 45 -33.34 -11.36 -5.58
C PRO B 45 -33.09 -10.95 -4.14
N ALA B 46 -33.87 -11.51 -3.22
CA ALA B 46 -33.83 -11.15 -1.81
C ALA B 46 -32.42 -11.04 -1.21
N ASP B 47 -31.61 -12.10 -1.34
CA ASP B 47 -30.29 -12.09 -0.72
C ASP B 47 -29.38 -11.00 -1.28
N SER B 48 -29.46 -10.79 -2.60
CA SER B 48 -28.69 -9.73 -3.23
C SER B 48 -29.18 -8.36 -2.78
N ALA B 49 -30.50 -8.26 -2.60
CA ALA B 49 -31.12 -7.02 -2.14
C ALA B 49 -30.68 -6.66 -0.72
N ARG B 50 -30.71 -7.65 0.18
CA ARG B 50 -30.18 -7.47 1.54
C ARG B 50 -28.72 -7.04 1.52
N LEU B 51 -27.92 -7.71 0.69
CA LEU B 51 -26.49 -7.40 0.61
C LEU B 51 -26.29 -5.97 0.16
N GLN B 52 -26.85 -5.62 -0.99
CA GLN B 52 -26.75 -4.25 -1.48
C GLN B 52 -27.26 -3.26 -0.44
N ALA B 53 -28.39 -3.61 0.18
CA ALA B 53 -28.95 -2.79 1.27
C ALA B 53 -27.93 -2.62 2.39
N ASN B 54 -27.40 -3.75 2.86
CA ASN B 54 -26.44 -3.77 3.95
C ASN B 54 -25.19 -2.93 3.69
N LEU B 55 -24.73 -2.90 2.43
CA LEU B 55 -23.62 -2.04 2.04
C LEU B 55 -23.87 -0.58 2.39
N LEU B 56 -25.05 -0.08 2.04
CA LEU B 56 -25.41 1.29 2.32
C LEU B 56 -25.67 1.54 3.82
N LEU B 57 -26.35 0.61 4.47
CA LEU B 57 -26.62 0.73 5.91
C LEU B 57 -25.35 0.73 6.74
N GLU B 58 -24.44 -0.21 6.46
CA GLU B 58 -23.20 -0.27 7.20
C GLU B 58 -22.44 1.04 7.06
N ALA B 59 -22.50 1.64 5.88
CA ALA B 59 -21.87 2.93 5.66
C ALA B 59 -22.54 4.02 6.49
N GLU B 60 -23.87 4.00 6.55
CA GLU B 60 -24.58 4.96 7.39
C GLU B 60 -24.19 4.76 8.86
N LEU B 61 -24.29 3.53 9.34
CA LEU B 61 -23.98 3.21 10.74
C LEU B 61 -22.57 3.63 11.15
N ARG B 62 -21.64 3.63 10.20
CA ARG B 62 -20.24 3.94 10.50
C ARG B 62 -19.89 5.40 10.28
N GLY B 63 -20.89 6.20 9.96
CA GLY B 63 -20.69 7.61 9.73
C GLY B 63 -20.01 7.91 8.42
N LEU B 64 -20.43 7.22 7.36
CA LEU B 64 -19.96 7.48 6.01
C LEU B 64 -21.15 7.60 5.06
N PRO B 65 -21.98 8.63 5.27
CA PRO B 65 -23.22 8.85 4.51
C PRO B 65 -22.97 9.12 3.02
N SER B 66 -21.74 9.46 2.66
CA SER B 66 -21.41 9.68 1.25
C SER B 66 -21.54 8.39 0.46
N HIS B 67 -21.42 7.26 1.15
CA HIS B 67 -21.53 5.94 0.55
C HIS B 67 -22.76 5.22 1.07
N GLY B 68 -23.74 5.98 1.53
CA GLY B 68 -24.93 5.42 2.15
C GLY B 68 -26.17 5.51 1.30
N LEU B 69 -27.31 5.64 1.96
CA LEU B 69 -28.60 5.65 1.28
C LEU B 69 -28.74 6.79 0.28
N GLN B 70 -27.88 7.79 0.37
CA GLN B 70 -27.90 8.88 -0.59
C GLN B 70 -27.65 8.36 -2.00
N ARG B 71 -26.84 7.31 -2.10
CA ARG B 71 -26.54 6.67 -3.38
C ARG B 71 -27.72 5.86 -3.95
N LEU B 72 -28.72 5.56 -3.11
CA LEU B 72 -29.77 4.61 -3.50
C LEU B 72 -30.65 5.05 -4.68
N PRO B 73 -31.12 6.31 -4.66
CA PRO B 73 -31.93 6.78 -5.80
C PRO B 73 -31.23 6.54 -7.14
N LEU B 74 -29.96 6.88 -7.22
CA LEU B 74 -29.21 6.71 -8.47
C LEU B 74 -29.15 5.24 -8.93
N LEU B 75 -28.97 4.31 -7.99
CA LEU B 75 -28.90 2.90 -8.36
C LEU B 75 -30.25 2.39 -8.84
N LEU B 76 -31.33 2.80 -8.16
CA LEU B 76 -32.67 2.42 -8.58
C LEU B 76 -32.92 2.91 -10.01
N SER B 77 -32.50 4.12 -10.32
CA SER B 77 -32.64 4.65 -11.66
C SER B 77 -31.78 3.88 -12.65
N ARG B 78 -30.56 3.50 -12.25
CA ARG B 78 -29.70 2.71 -13.13
C ARG B 78 -30.29 1.32 -13.41
N LEU B 79 -30.92 0.71 -12.41
CA LEU B 79 -31.61 -0.56 -12.61
C LEU B 79 -32.76 -0.40 -13.61
N ASP B 80 -33.54 0.67 -13.47
CA ASP B 80 -34.70 0.89 -14.35
C ASP B 80 -34.27 1.22 -15.77
N LYS B 81 -33.02 1.64 -15.94
CA LYS B 81 -32.50 1.92 -17.29
C LYS B 81 -31.67 0.77 -17.90
N GLY B 82 -31.47 -0.30 -17.14
CA GLY B 82 -30.63 -1.39 -17.62
C GLY B 82 -29.13 -1.09 -17.49
N LEU B 83 -28.78 0.03 -16.86
CA LEU B 83 -27.37 0.34 -16.60
C LEU B 83 -26.90 -0.52 -15.45
N ALA B 84 -27.87 -1.02 -14.69
CA ALA B 84 -27.62 -1.97 -13.64
C ALA B 84 -28.51 -3.19 -13.88
N ASN B 85 -27.89 -4.36 -13.82
CA ASN B 85 -28.58 -5.62 -14.05
C ASN B 85 -28.93 -6.24 -12.69
N PRO B 86 -30.23 -6.51 -12.47
CA PRO B 86 -30.77 -6.97 -11.19
C PRO B 86 -30.34 -8.38 -10.77
N THR B 87 -29.93 -9.22 -11.71
CA THR B 87 -29.75 -10.64 -11.40
C THR B 87 -28.30 -11.13 -11.48
N THR B 88 -27.50 -10.54 -12.34
CA THR B 88 -26.21 -11.14 -12.60
C THR B 88 -25.27 -11.05 -11.41
N ARG B 89 -24.43 -12.07 -11.28
CA ARG B 89 -23.38 -12.07 -10.27
C ARG B 89 -22.04 -11.90 -10.96
N GLY B 90 -22.11 -11.64 -12.26
CA GLY B 90 -20.92 -11.51 -13.08
C GLY B 90 -20.60 -12.83 -13.78
N ASN B 91 -19.64 -12.78 -14.69
CA ASN B 91 -19.11 -13.97 -15.33
C ASN B 91 -17.59 -13.99 -15.17
N GLY B 92 -17.09 -14.99 -14.46
CA GLY B 92 -15.67 -15.07 -14.20
C GLY B 92 -14.97 -16.15 -15.00
N THR B 93 -13.72 -15.89 -15.35
CA THR B 93 -12.92 -16.85 -16.09
C THR B 93 -11.56 -16.99 -15.45
N TRP B 94 -11.19 -18.22 -15.08
CA TRP B 94 -9.85 -18.48 -14.54
C TRP B 94 -8.80 -18.39 -15.63
N ARG B 95 -8.05 -17.30 -15.65
CA ARG B 95 -7.01 -17.11 -16.64
C ARG B 95 -5.75 -17.86 -16.24
N ARG B 96 -5.50 -17.91 -14.94
CA ARG B 96 -4.34 -18.61 -14.38
C ARG B 96 -4.78 -19.27 -13.09
N ALA B 97 -3.92 -20.13 -12.55
CA ALA B 97 -4.24 -20.86 -11.32
C ALA B 97 -4.76 -19.99 -10.17
N SER B 98 -4.25 -18.77 -10.05
CA SER B 98 -4.69 -17.86 -8.97
C SER B 98 -5.27 -16.56 -9.49
N PHE B 99 -5.67 -16.52 -10.76
CA PHE B 99 -6.12 -15.27 -11.36
C PHE B 99 -7.50 -15.43 -12.01
N LEU B 100 -8.49 -14.79 -11.41
CA LEU B 100 -9.85 -14.80 -11.93
C LEU B 100 -10.14 -13.44 -12.57
N SER B 101 -10.49 -13.48 -13.85
CA SER B 101 -10.92 -12.30 -14.57
C SER B 101 -12.45 -12.27 -14.56
N VAL B 102 -13.04 -11.18 -14.08
CA VAL B 102 -14.50 -11.12 -13.99
C VAL B 102 -15.11 -10.07 -14.88
N ASP B 103 -16.11 -10.47 -15.66
CA ASP B 103 -16.95 -9.53 -16.36
C ASP B 103 -18.18 -9.33 -15.50
N GLY B 104 -18.31 -8.14 -14.92
CA GLY B 104 -19.40 -7.86 -14.01
C GLY B 104 -20.77 -7.90 -14.66
N GLU B 105 -20.79 -7.82 -15.99
CA GLU B 105 -22.05 -7.84 -16.72
C GLU B 105 -23.03 -6.81 -16.16
N ARG B 106 -22.50 -5.69 -15.68
CA ARG B 106 -23.32 -4.58 -15.19
C ARG B 106 -24.09 -4.91 -13.90
N GLY B 107 -23.67 -5.96 -13.20
CA GLY B 107 -24.24 -6.30 -11.91
C GLY B 107 -24.06 -5.23 -10.84
N LEU B 108 -24.84 -5.36 -9.76
CA LEU B 108 -24.64 -4.51 -8.59
C LEU B 108 -23.24 -4.79 -8.04
N GLY B 109 -22.54 -3.74 -7.62
CA GLY B 109 -21.17 -3.88 -7.15
C GLY B 109 -20.99 -4.97 -6.10
N PRO B 110 -21.68 -4.82 -4.95
CA PRO B 110 -21.59 -5.77 -3.83
C PRO B 110 -21.92 -7.21 -4.22
N VAL B 111 -22.90 -7.38 -5.10
CA VAL B 111 -23.27 -8.72 -5.53
C VAL B 111 -22.11 -9.36 -6.32
N VAL B 112 -21.55 -8.61 -7.26
CA VAL B 112 -20.47 -9.14 -8.08
C VAL B 112 -19.23 -9.41 -7.22
N MSE B 113 -18.91 -8.47 -6.33
CA MSE B 113 -17.75 -8.59 -5.47
C MSE B 113 -17.83 -9.78 -4.53
O MSE B 113 -16.85 -10.52 -4.38
CB MSE B 113 -17.51 -7.29 -4.68
CG MSE B 113 -16.41 -7.39 -3.64
SE MSE B 113 -14.63 -7.57 -4.44
CE MSE B 113 -14.31 -5.69 -4.92
N MSE B 114 -18.96 -9.97 -3.88
CA MSE B 114 -19.11 -11.07 -2.93
C MSE B 114 -19.09 -12.42 -3.65
O MSE B 114 -18.61 -13.40 -3.11
CB MSE B 114 -20.38 -10.93 -2.08
CG MSE B 114 -20.32 -9.78 -1.07
SE MSE B 114 -18.77 -9.88 0.14
CE MSE B 114 -19.23 -11.51 1.12
N ASP B 115 -19.60 -12.46 -4.88
CA ASP B 115 -19.50 -13.69 -5.65
C ASP B 115 -18.06 -14.03 -6.02
N ALA B 116 -17.28 -13.00 -6.35
CA ALA B 116 -15.87 -13.21 -6.67
C ALA B 116 -15.11 -13.69 -5.43
N MSE B 117 -15.49 -13.17 -4.27
CA MSE B 117 -14.91 -13.61 -3.02
C MSE B 117 -15.26 -15.07 -2.74
O MSE B 117 -14.41 -15.83 -2.31
CB MSE B 117 -15.36 -12.71 -1.85
CG MSE B 117 -14.64 -13.07 -0.54
SE MSE B 117 -14.96 -11.89 1.00
CE MSE B 117 -15.01 -10.16 0.05
N ARG B 118 -16.52 -15.43 -2.98
CA ARG B 118 -16.97 -16.79 -2.75
C ARG B 118 -16.21 -17.75 -3.68
N VAL B 119 -16.00 -17.33 -4.91
CA VAL B 119 -15.35 -18.15 -5.94
C VAL B 119 -13.85 -18.33 -5.73
N THR B 120 -13.13 -17.23 -5.50
CA THR B 120 -11.70 -17.30 -5.25
C THR B 120 -11.35 -17.96 -3.91
N ARG B 121 -12.28 -17.91 -2.96
CA ARG B 121 -12.03 -18.52 -1.66
C ARG B 121 -11.90 -20.04 -1.72
N ARG B 122 -12.64 -20.64 -2.64
CA ARG B 122 -12.60 -22.10 -2.83
C ARG B 122 -11.22 -22.61 -3.24
N ILE B 123 -10.41 -21.77 -3.88
CA ILE B 123 -9.14 -22.26 -4.39
C ILE B 123 -7.97 -22.07 -3.43
N LEU B 124 -8.22 -21.39 -2.32
CA LEU B 124 -7.14 -20.96 -1.44
C LEU B 124 -6.36 -22.11 -0.78
N LYS B 125 -7.06 -23.18 -0.43
CA LYS B 125 -6.41 -24.35 0.13
C LYS B 125 -5.37 -24.96 -0.80
N GLU B 126 -5.58 -24.82 -2.11
CA GLU B 126 -4.62 -25.28 -3.11
C GLU B 126 -3.53 -24.25 -3.42
N THR B 127 -3.93 -22.99 -3.54
CA THR B 127 -3.05 -21.96 -4.06
C THR B 127 -2.47 -21.03 -3.00
N GLY B 128 -3.21 -20.82 -1.92
CA GLY B 128 -2.78 -19.98 -0.80
C GLY B 128 -3.11 -18.51 -1.02
N LEU B 129 -3.42 -18.17 -2.27
CA LEU B 129 -3.54 -16.77 -2.67
C LEU B 129 -4.32 -16.70 -3.98
N ALA B 130 -5.10 -15.64 -4.16
CA ALA B 130 -5.86 -15.47 -5.39
C ALA B 130 -6.20 -14.01 -5.60
N ILE B 131 -6.43 -13.62 -6.85
CA ILE B 131 -6.89 -12.27 -7.14
C ILE B 131 -8.06 -12.32 -8.12
N ALA B 132 -9.02 -11.43 -7.91
CA ALA B 132 -10.12 -11.27 -8.83
C ALA B 132 -10.05 -9.88 -9.43
N ALA B 133 -10.04 -9.80 -10.76
CA ALA B 133 -9.99 -8.50 -11.43
C ALA B 133 -11.31 -8.24 -12.12
N ILE B 134 -12.01 -7.21 -11.65
CA ILE B 134 -13.39 -6.96 -12.06
C ILE B 134 -13.55 -5.72 -12.93
N ARG B 135 -14.26 -5.87 -14.03
CA ARG B 135 -14.62 -4.76 -14.90
C ARG B 135 -16.12 -4.83 -15.08
N ASN B 136 -16.71 -3.78 -15.62
CA ASN B 136 -18.10 -3.83 -15.98
C ASN B 136 -19.05 -4.15 -14.81
N ALA B 137 -18.74 -3.61 -13.64
CA ALA B 137 -19.62 -3.74 -12.47
C ALA B 137 -19.96 -2.35 -11.95
N ASN B 138 -21.06 -2.26 -11.21
CA ASN B 138 -21.47 -1.00 -10.64
C ASN B 138 -20.70 -0.66 -9.37
N HIS B 139 -20.95 0.54 -8.86
CA HIS B 139 -20.21 1.08 -7.72
C HIS B 139 -20.20 0.15 -6.53
N MSE B 140 -19.04 0.01 -5.91
CA MSE B 140 -18.82 -0.97 -4.85
C MSE B 140 -19.22 -0.48 -3.47
O MSE B 140 -19.25 -1.27 -2.53
CB MSE B 140 -17.35 -1.36 -4.82
CG MSE B 140 -16.91 -2.16 -6.01
SE MSE B 140 -17.80 -3.89 -6.01
CE MSE B 140 -17.41 -4.44 -7.86
N GLY B 141 -19.52 0.81 -3.34
CA GLY B 141 -19.76 1.38 -2.04
C GLY B 141 -18.51 1.33 -1.16
N MSE B 142 -18.70 1.24 0.15
CA MSE B 142 -17.59 1.27 1.09
C MSE B 142 -16.75 -0.02 1.06
O MSE B 142 -17.23 -1.09 1.38
CB MSE B 142 -18.17 1.52 2.49
CG MSE B 142 -17.18 1.55 3.64
SE MSE B 142 -18.15 1.52 5.35
CE MSE B 142 -18.88 -0.30 5.27
N LEU B 143 -15.48 0.09 0.65
CA LEU B 143 -14.63 -1.11 0.54
C LEU B 143 -14.39 -1.85 1.87
N ALA B 144 -14.48 -1.15 2.99
CA ALA B 144 -14.25 -1.77 4.29
C ALA B 144 -15.16 -2.98 4.46
N TYR B 145 -16.37 -2.90 3.90
CA TYR B 145 -17.33 -3.98 4.03
C TYR B 145 -16.72 -5.31 3.60
N TYR B 146 -16.00 -5.29 2.48
CA TYR B 146 -15.44 -6.51 1.92
C TYR B 146 -14.18 -6.94 2.66
N ALA B 147 -13.38 -5.97 3.08
CA ALA B 147 -12.19 -6.27 3.86
C ALA B 147 -12.59 -6.96 5.17
N GLU B 148 -13.65 -6.45 5.79
CA GLU B 148 -14.10 -7.03 7.04
C GLU B 148 -14.66 -8.41 6.81
N ALA B 149 -15.44 -8.59 5.75
CA ALA B 149 -15.99 -9.90 5.43
C ALA B 149 -14.88 -10.95 5.33
N ALA B 150 -13.82 -10.61 4.61
CA ALA B 150 -12.70 -11.54 4.46
C ALA B 150 -12.03 -11.81 5.81
N ALA B 151 -11.80 -10.75 6.58
CA ALA B 151 -11.10 -10.86 7.84
C ALA B 151 -11.89 -11.72 8.84
N ARG B 152 -13.21 -11.55 8.83
CA ARG B 152 -14.08 -12.38 9.67
C ARG B 152 -14.09 -13.84 9.21
N ASP B 153 -13.76 -14.09 7.96
CA ASP B 153 -13.64 -15.46 7.47
C ASP B 153 -12.25 -16.04 7.74
N GLY B 154 -11.44 -15.33 8.51
CA GLY B 154 -10.09 -15.76 8.80
C GLY B 154 -9.18 -15.54 7.62
N LEU B 155 -9.55 -14.63 6.73
CA LEU B 155 -8.75 -14.36 5.52
C LEU B 155 -8.19 -12.94 5.52
N ILE B 156 -7.05 -12.74 4.86
CA ILE B 156 -6.57 -11.41 4.55
C ILE B 156 -7.23 -10.96 3.25
N GLY B 157 -7.81 -9.77 3.27
CA GLY B 157 -8.45 -9.22 2.09
C GLY B 157 -7.92 -7.85 1.71
N ILE B 158 -7.54 -7.70 0.44
CA ILE B 158 -7.13 -6.40 -0.07
C ILE B 158 -8.00 -6.04 -1.26
N VAL B 159 -8.68 -4.90 -1.14
CA VAL B 159 -9.66 -4.48 -2.12
C VAL B 159 -9.32 -3.09 -2.59
N MSE B 160 -9.39 -2.87 -3.91
CA MSE B 160 -9.29 -1.52 -4.44
C MSE B 160 -10.28 -1.28 -5.58
O MSE B 160 -10.78 -2.23 -6.20
CB MSE B 160 -7.86 -1.18 -4.85
CG MSE B 160 -7.17 -2.22 -5.71
SE MSE B 160 -5.20 -2.14 -5.60
CE MSE B 160 -4.93 -4.04 -5.21
N SER B 161 -10.55 -0.02 -5.85
CA SER B 161 -11.54 0.34 -6.85
C SER B 161 -11.14 1.66 -7.44
N THR B 162 -11.45 1.86 -8.71
CA THR B 162 -11.18 3.15 -9.36
C THR B 162 -12.49 3.91 -9.56
N SER B 163 -12.39 5.13 -10.09
CA SER B 163 -13.56 5.99 -10.25
C SER B 163 -13.37 7.11 -11.26
N GLU B 164 -14.40 7.93 -11.41
CA GLU B 164 -14.32 9.16 -12.19
C GLU B 164 -13.05 9.92 -11.78
N ALA B 165 -12.42 10.61 -12.73
CA ALA B 165 -11.25 11.42 -12.40
C ALA B 165 -11.66 12.63 -11.58
N LEU B 166 -11.21 12.70 -10.33
CA LEU B 166 -11.56 13.82 -9.47
C LEU B 166 -10.33 14.35 -8.73
N VAL B 167 -9.20 13.73 -8.98
CA VAL B 167 -8.01 14.00 -8.20
C VAL B 167 -6.89 14.45 -9.11
N HIS B 168 -6.19 15.51 -8.72
CA HIS B 168 -5.05 15.95 -9.52
C HIS B 168 -3.75 15.33 -9.01
N PRO B 169 -2.78 15.17 -9.91
CA PRO B 169 -1.47 14.66 -9.48
C PRO B 169 -0.83 15.63 -8.50
N PHE B 170 0.08 15.14 -7.68
CA PHE B 170 0.93 16.04 -6.89
C PHE B 170 1.67 16.92 -7.88
N GLY B 171 1.65 18.23 -7.66
CA GLY B 171 2.32 19.15 -8.54
C GLY B 171 1.51 19.54 -9.77
N GLY B 172 0.29 19.02 -9.86
CA GLY B 172 -0.58 19.29 -10.99
C GLY B 172 -1.94 19.80 -10.54
N THR B 173 -2.70 20.36 -11.48
CA THR B 173 -3.98 20.95 -11.10
C THR B 173 -5.18 20.41 -11.88
N GLN B 174 -4.93 19.46 -12.78
CA GLN B 174 -6.00 18.82 -13.55
C GLN B 174 -6.48 17.52 -12.90
N ALA B 175 -7.80 17.31 -12.86
CA ALA B 175 -8.37 16.07 -12.34
C ALA B 175 -8.11 14.93 -13.33
N LEU B 176 -7.24 14.01 -12.96
CA LEU B 176 -6.83 12.98 -13.89
C LEU B 176 -6.83 11.61 -13.22
N ILE B 177 -7.07 11.59 -11.92
CA ILE B 177 -6.95 10.37 -11.14
C ILE B 177 -8.21 10.14 -10.31
N GLY B 178 -8.60 8.86 -10.15
CA GLY B 178 -9.77 8.53 -9.36
C GLY B 178 -9.47 8.65 -7.89
N THR B 179 -10.50 8.61 -7.05
CA THR B 179 -10.31 8.71 -5.61
C THR B 179 -9.63 7.44 -5.08
N ASN B 180 -9.74 6.38 -5.87
CA ASN B 180 -8.94 5.16 -5.69
C ASN B 180 -8.73 4.69 -4.24
N PRO B 181 -9.82 4.23 -3.61
CA PRO B 181 -9.74 3.68 -2.26
C PRO B 181 -9.03 2.32 -2.26
N VAL B 182 -8.41 2.01 -1.13
CA VAL B 182 -7.91 0.66 -0.89
C VAL B 182 -8.32 0.26 0.52
N ALA B 183 -8.90 -0.92 0.65
CA ALA B 183 -9.18 -1.48 1.97
C ALA B 183 -8.39 -2.77 2.22
N ILE B 184 -8.00 -2.97 3.47
CA ILE B 184 -7.21 -4.12 3.86
C ILE B 184 -7.81 -4.66 5.15
N GLY B 185 -8.25 -5.91 5.11
CA GLY B 185 -8.75 -6.56 6.31
C GLY B 185 -7.79 -7.66 6.72
N ILE B 186 -7.45 -7.69 8.00
CA ILE B 186 -6.59 -8.73 8.54
C ILE B 186 -7.21 -9.32 9.81
N PRO B 187 -7.37 -10.66 9.86
CA PRO B 187 -7.94 -11.36 11.03
C PRO B 187 -7.10 -11.07 12.26
N ALA B 188 -7.75 -10.89 13.41
CA ALA B 188 -7.01 -10.57 14.62
C ALA B 188 -7.71 -11.14 15.85
N ALA B 189 -7.90 -12.45 15.85
CA ALA B 189 -8.51 -13.15 16.97
C ALA B 189 -9.37 -12.20 17.81
N GLY B 190 -10.52 -11.82 17.27
CA GLY B 190 -11.40 -10.88 17.94
C GLY B 190 -11.86 -9.84 16.94
N HIS B 191 -11.59 -8.57 17.23
CA HIS B 191 -11.89 -7.52 16.28
C HIS B 191 -10.83 -7.44 15.20
N PRO B 192 -11.24 -7.63 13.94
CA PRO B 192 -10.27 -7.64 12.85
C PRO B 192 -9.68 -6.25 12.63
N PHE B 193 -8.45 -6.21 12.14
CA PHE B 193 -7.85 -5.00 11.63
C PHE B 193 -8.54 -4.69 10.30
N VAL B 194 -9.13 -3.51 10.20
CA VAL B 194 -9.81 -3.14 8.96
C VAL B 194 -9.46 -1.72 8.60
N LEU B 195 -8.62 -1.58 7.59
CA LEU B 195 -8.20 -0.29 7.10
C LEU B 195 -8.94 -0.01 5.80
N ASP B 196 -9.47 1.20 5.67
CA ASP B 196 -10.18 1.62 4.45
C ASP B 196 -9.70 3.02 4.22
N LEU B 197 -9.05 3.27 3.09
CA LEU B 197 -8.55 4.62 2.87
C LEU B 197 -8.59 5.04 1.42
N ALA B 198 -9.18 6.19 1.17
CA ALA B 198 -9.12 6.79 -0.15
C ALA B 198 -7.80 7.51 -0.25
N THR B 199 -7.35 7.73 -1.48
CA THR B 199 -6.06 8.34 -1.71
C THR B 199 -6.18 9.84 -1.99
N SER B 200 -7.40 10.36 -1.99
CA SER B 200 -7.61 11.81 -1.99
C SER B 200 -7.67 12.32 -0.55
N ILE B 201 -7.34 13.60 -0.33
CA ILE B 201 -7.38 14.17 1.03
C ILE B 201 -8.78 14.16 1.63
N VAL B 202 -9.78 14.44 0.81
CA VAL B 202 -11.16 14.46 1.26
C VAL B 202 -12.06 13.85 0.19
N SER B 203 -13.27 13.47 0.58
CA SER B 203 -14.24 12.95 -0.37
C SER B 203 -14.96 14.08 -1.08
N MSE B 204 -15.45 13.81 -2.29
CA MSE B 204 -16.24 14.78 -3.04
C MSE B 204 -17.56 15.04 -2.33
O MSE B 204 -17.86 16.16 -1.93
CB MSE B 204 -16.48 14.31 -4.47
CG MSE B 204 -17.24 15.32 -5.34
SE MSE B 204 -16.50 17.16 -5.31
CE MSE B 204 -15.13 17.00 -6.71
N TRP B 221 -6.78 21.57 -0.23
CA TRP B 221 -7.94 20.71 -0.44
C TRP B 221 -8.34 20.52 -1.90
N ALA B 222 -8.47 21.61 -2.64
CA ALA B 222 -9.00 21.56 -4.00
C ALA B 222 -8.60 22.76 -4.84
N VAL B 223 -8.64 22.63 -6.15
CA VAL B 223 -8.50 23.70 -7.13
C VAL B 223 -9.61 23.65 -8.17
N ASP B 224 -9.35 24.35 -9.29
CA ASP B 224 -9.87 24.14 -10.65
C ASP B 224 -11.13 24.91 -10.65
N ARG B 225 -11.90 24.90 -11.73
CA ARG B 225 -11.70 24.13 -12.91
C ARG B 225 -10.54 24.65 -13.63
N ASP B 226 -9.98 25.68 -13.04
CA ASP B 226 -9.07 26.51 -13.70
C ASP B 226 -7.73 26.17 -13.19
N GLY B 227 -7.69 25.39 -12.14
CA GLY B 227 -6.46 24.95 -11.50
C GLY B 227 -5.99 25.91 -10.44
N ARG B 228 -6.87 26.75 -9.99
CA ARG B 228 -6.56 27.78 -9.07
C ARG B 228 -7.01 27.43 -7.68
N ALA B 229 -6.14 27.58 -6.68
CA ALA B 229 -6.54 27.22 -5.33
C ALA B 229 -7.86 27.88 -4.95
N THR B 230 -8.72 27.12 -4.27
CA THR B 230 -10.03 27.63 -3.88
C THR B 230 -10.45 27.16 -2.50
N THR B 231 -11.26 27.97 -1.83
CA THR B 231 -11.89 27.58 -0.57
C THR B 231 -13.39 27.50 -0.78
N ASP B 232 -13.80 27.62 -2.05
CA ASP B 232 -15.20 27.59 -2.45
C ASP B 232 -15.61 26.18 -2.90
N PRO B 233 -16.59 25.59 -2.22
CA PRO B 233 -17.08 24.22 -2.43
C PRO B 233 -17.58 24.01 -3.85
N HIS B 234 -18.41 24.94 -4.32
CA HIS B 234 -19.02 24.85 -5.64
C HIS B 234 -17.95 24.86 -6.73
N ALA B 235 -16.92 25.68 -6.54
CA ALA B 235 -15.81 25.74 -7.49
C ALA B 235 -14.98 24.45 -7.44
N ALA B 236 -14.82 23.92 -6.22
CA ALA B 236 -14.13 22.67 -6.02
C ALA B 236 -14.83 21.56 -6.78
N GLN B 237 -16.17 21.60 -6.77
CA GLN B 237 -16.97 20.54 -7.38
C GLN B 237 -16.68 20.33 -8.86
N ALA B 238 -16.38 21.41 -9.57
CA ALA B 238 -15.98 21.29 -10.96
C ALA B 238 -14.45 21.35 -11.04
N GLY B 239 -13.82 21.20 -9.89
CA GLY B 239 -12.38 21.32 -9.79
C GLY B 239 -11.59 20.03 -9.74
N ALA B 240 -10.63 19.96 -8.81
CA ALA B 240 -9.78 18.80 -8.68
C ALA B 240 -9.24 18.70 -7.27
N ILE B 241 -9.40 17.53 -6.67
CA ILE B 241 -9.05 17.33 -5.28
C ILE B 241 -7.61 16.87 -5.16
N ALA B 242 -6.96 17.29 -4.10
CA ALA B 242 -5.55 16.96 -3.89
C ALA B 242 -5.41 15.52 -3.38
N PRO B 243 -4.24 14.91 -3.64
CA PRO B 243 -3.99 13.61 -3.02
C PRO B 243 -3.65 13.84 -1.56
N PHE B 244 -3.83 12.84 -0.70
CA PHE B 244 -3.31 12.93 0.65
C PHE B 244 -1.82 12.64 0.62
N GLY B 245 -1.12 13.02 1.69
CA GLY B 245 0.28 12.65 1.86
C GLY B 245 1.19 13.10 0.73
N ASP B 246 0.81 14.19 0.08
CA ASP B 246 1.70 14.83 -0.90
C ASP B 246 2.14 13.85 -1.97
N ALA B 247 3.42 13.85 -2.30
CA ALA B 247 3.93 12.97 -3.34
C ALA B 247 3.66 11.48 -3.06
N LYS B 248 3.80 11.07 -1.81
CA LYS B 248 3.63 9.66 -1.46
C LYS B 248 2.21 9.17 -1.68
N GLY B 249 1.23 9.95 -1.25
CA GLY B 249 -0.17 9.57 -1.42
C GLY B 249 -0.57 9.58 -2.88
N TYR B 250 -0.05 10.56 -3.61
CA TYR B 250 -0.20 10.62 -5.05
C TYR B 250 0.36 9.36 -5.69
N GLY B 251 1.58 8.98 -5.30
CA GLY B 251 2.20 7.75 -5.78
C GLY B 251 1.31 6.53 -5.58
N LEU B 252 0.71 6.43 -4.41
CA LEU B 252 -0.16 5.30 -4.08
C LEU B 252 -1.45 5.30 -4.90
N GLY B 253 -2.07 6.48 -5.03
CA GLY B 253 -3.27 6.63 -5.82
C GLY B 253 -3.04 6.32 -7.28
N LEU B 254 -1.89 6.74 -7.80
CA LEU B 254 -1.52 6.44 -9.17
C LEU B 254 -1.24 4.94 -9.36
N ALA B 255 -0.47 4.36 -8.44
CA ALA B 255 -0.22 2.92 -8.48
C ALA B 255 -1.54 2.16 -8.55
N ILE B 256 -2.50 2.54 -7.69
CA ILE B 256 -3.82 1.91 -7.70
C ILE B 256 -4.49 2.08 -9.07
N GLU B 257 -4.55 3.32 -9.55
CA GLU B 257 -5.04 3.59 -10.91
C GLU B 257 -4.46 2.61 -11.92
N LEU B 258 -3.14 2.43 -11.88
CA LEU B 258 -2.45 1.61 -12.89
C LEU B 258 -2.71 0.12 -12.72
N LEU B 259 -2.60 -0.36 -11.49
CA LEU B 259 -2.85 -1.77 -11.19
C LEU B 259 -4.24 -2.19 -11.63
N VAL B 260 -5.25 -1.45 -11.20
CA VAL B 260 -6.62 -1.79 -11.55
C VAL B 260 -6.83 -1.83 -13.07
N ALA B 261 -6.41 -0.79 -13.76
CA ALA B 261 -6.56 -0.75 -15.22
C ALA B 261 -5.77 -1.87 -15.91
N ALA B 262 -4.52 -2.08 -15.51
CA ALA B 262 -3.70 -3.11 -16.12
C ALA B 262 -4.37 -4.47 -15.99
N LEU B 263 -4.81 -4.79 -14.77
CA LEU B 263 -5.32 -6.13 -14.48
C LEU B 263 -6.80 -6.35 -14.79
N ALA B 264 -7.64 -5.38 -14.43
CA ALA B 264 -9.08 -5.52 -14.62
C ALA B 264 -9.50 -5.18 -16.05
N GLY B 265 -8.69 -4.39 -16.75
CA GLY B 265 -9.04 -4.02 -18.11
C GLY B 265 -10.12 -2.96 -18.12
N SER B 266 -10.25 -2.22 -17.02
CA SER B 266 -11.21 -1.13 -16.94
C SER B 266 -10.60 0.11 -17.57
N ASN B 267 -11.40 1.18 -17.64
CA ASN B 267 -10.90 2.45 -18.19
C ASN B 267 -10.15 3.29 -17.16
N LEU B 268 -9.15 4.04 -17.62
CA LEU B 268 -8.47 5.00 -16.76
C LEU B 268 -9.44 6.10 -16.31
N ALA B 269 -9.15 6.68 -15.15
CA ALA B 269 -10.00 7.70 -14.52
C ALA B 269 -10.65 8.74 -15.47
N PRO B 270 -9.85 9.36 -16.35
CA PRO B 270 -10.39 10.41 -17.25
C PRO B 270 -11.55 9.92 -18.12
N ASP B 271 -11.58 8.61 -18.40
CA ASP B 271 -12.61 8.05 -19.26
C ASP B 271 -13.72 7.35 -18.47
N VAL B 272 -13.63 7.38 -17.15
CA VAL B 272 -14.59 6.66 -16.33
C VAL B 272 -15.90 7.42 -16.12
N ASN B 273 -17.00 6.67 -16.17
CA ASN B 273 -18.35 7.16 -15.98
C ASN B 273 -19.16 6.12 -15.21
N GLY B 274 -20.42 6.41 -14.95
CA GLY B 274 -21.36 5.40 -14.51
C GLY B 274 -21.41 5.10 -13.02
N THR B 275 -20.65 5.86 -12.26
CA THR B 275 -20.64 5.75 -10.80
C THR B 275 -21.36 6.95 -10.17
N LEU B 276 -21.18 8.11 -10.77
CA LEU B 276 -21.79 9.33 -10.28
C LEU B 276 -23.00 9.72 -11.14
N ASP B 277 -23.29 8.95 -12.18
CA ASP B 277 -24.44 9.27 -13.03
C ASP B 277 -25.36 8.07 -13.25
N ASP B 278 -26.55 8.34 -13.78
CA ASP B 278 -27.48 7.29 -14.14
C ASP B 278 -27.72 7.29 -15.65
N ILE B 279 -26.66 7.58 -16.43
CA ILE B 279 -26.77 7.58 -17.89
C ILE B 279 -25.71 6.72 -18.62
N HIS B 280 -24.54 6.54 -18.02
CA HIS B 280 -23.50 5.73 -18.66
C HIS B 280 -23.27 4.39 -17.97
N PRO B 281 -22.94 3.35 -18.73
CA PRO B 281 -22.46 2.08 -18.15
C PRO B 281 -21.24 2.35 -17.26
N ALA B 282 -21.16 1.71 -16.09
CA ALA B 282 -19.99 1.88 -15.23
C ALA B 282 -18.78 1.20 -15.86
N ASN B 283 -17.68 1.94 -16.01
CA ASN B 283 -16.49 1.39 -16.64
C ASN B 283 -15.21 1.53 -15.83
N LYS B 284 -15.35 1.73 -14.52
CA LYS B 284 -14.20 1.69 -13.61
C LYS B 284 -13.85 0.22 -13.34
N GLY B 285 -12.83 -0.05 -12.53
CA GLY B 285 -12.46 -1.42 -12.23
C GLY B 285 -12.27 -1.68 -10.75
N ASP B 286 -12.17 -2.96 -10.39
CA ASP B 286 -12.01 -3.35 -8.99
C ASP B 286 -11.04 -4.52 -8.89
N LEU B 287 -10.25 -4.55 -7.83
CA LEU B 287 -9.40 -5.71 -7.55
C LEU B 287 -9.69 -6.27 -6.17
N LEU B 288 -9.67 -7.59 -6.06
CA LEU B 288 -9.74 -8.25 -4.77
C LEU B 288 -8.57 -9.20 -4.67
N ILE B 289 -7.79 -9.09 -3.60
CA ILE B 289 -6.77 -10.08 -3.35
C ILE B 289 -7.11 -10.78 -2.06
N LEU B 290 -7.15 -12.10 -2.10
CA LEU B 290 -7.37 -12.90 -0.90
C LEU B 290 -6.12 -13.70 -0.61
N ILE B 291 -5.68 -13.69 0.65
CA ILE B 291 -4.54 -14.49 1.04
C ILE B 291 -4.91 -15.29 2.27
N ASP B 292 -4.63 -16.58 2.23
CA ASP B 292 -4.89 -17.46 3.37
C ASP B 292 -3.69 -17.45 4.31
N PRO B 293 -3.88 -16.90 5.51
CA PRO B 293 -2.77 -16.74 6.45
C PRO B 293 -2.23 -18.09 6.92
N SER B 294 -3.03 -19.14 6.84
CA SER B 294 -2.56 -20.45 7.31
C SER B 294 -1.53 -21.04 6.36
N ALA B 295 -1.36 -20.41 5.20
CA ALA B 295 -0.28 -20.74 4.27
C ALA B 295 1.02 -20.08 4.74
N GLY B 296 0.89 -19.02 5.53
CA GLY B 296 2.05 -18.30 6.04
C GLY B 296 2.66 -19.00 7.23
N ALA B 297 3.80 -18.45 7.69
CA ALA B 297 4.55 -19.04 8.79
C ALA B 297 4.27 -18.27 10.07
N GLY B 298 3.37 -17.31 10.01
CA GLY B 298 3.08 -16.46 11.16
C GLY B 298 1.91 -16.90 12.01
N SER B 299 1.44 -16.00 12.86
CA SER B 299 0.47 -16.33 13.90
C SER B 299 -0.54 -15.21 14.18
N ILE B 300 -1.77 -15.45 13.77
CA ILE B 300 -2.83 -14.48 13.99
C ILE B 300 -3.00 -14.13 15.46
N PRO B 301 -2.96 -15.14 16.35
CA PRO B 301 -3.06 -14.82 17.78
C PRO B 301 -1.97 -13.84 18.26
N ALA B 302 -0.76 -13.97 17.74
CA ALA B 302 0.31 -13.02 18.10
C ALA B 302 0.01 -11.61 17.57
N LEU B 303 -0.77 -11.52 16.50
CA LEU B 303 -1.18 -10.21 15.96
C LEU B 303 -2.09 -9.45 16.93
N ALA B 304 -3.02 -10.18 17.55
CA ALA B 304 -3.98 -9.59 18.47
C ALA B 304 -3.35 -9.00 19.73
N ALA B 305 -2.41 -9.74 20.32
CA ALA B 305 -1.70 -9.26 21.49
C ALA B 305 -0.91 -7.99 21.13
N TYR B 306 -0.32 -8.00 19.95
CA TYR B 306 0.44 -6.84 19.49
C TYR B 306 -0.43 -5.57 19.29
N LEU B 307 -1.61 -5.73 18.71
CA LEU B 307 -2.54 -4.62 18.57
C LEU B 307 -3.00 -4.09 19.94
N ASP B 308 -3.23 -5.00 20.88
CA ASP B 308 -3.61 -4.61 22.23
C ASP B 308 -2.50 -3.79 22.87
N ARG B 309 -1.26 -4.23 22.68
CA ARG B 309 -0.09 -3.51 23.18
C ARG B 309 -0.05 -2.08 22.65
N LEU B 310 -0.39 -1.90 21.38
CA LEU B 310 -0.48 -0.54 20.82
C LEU B 310 -1.58 0.28 21.48
N ARG B 311 -2.77 -0.30 21.60
CA ARG B 311 -3.87 0.39 22.27
C ARG B 311 -3.49 0.85 23.69
N LEU B 312 -2.61 0.09 24.33
CA LEU B 312 -2.21 0.39 25.70
C LEU B 312 -0.94 1.25 25.80
N SER B 313 -0.40 1.66 24.65
CA SER B 313 0.85 2.43 24.65
C SER B 313 0.63 3.90 25.03
N ARG B 314 1.74 4.61 25.28
CA ARG B 314 1.73 6.02 25.67
C ARG B 314 1.09 6.93 24.61
N PRO B 315 -0.04 7.57 24.95
CA PRO B 315 -0.69 8.45 23.98
C PRO B 315 -0.13 9.87 24.07
N LEU B 316 -0.33 10.63 23.00
CA LEU B 316 -0.02 12.05 23.00
C LEU B 316 -0.93 12.74 24.02
N ASP B 317 -2.10 12.16 24.23
CA ASP B 317 -3.13 12.72 25.10
C ASP B 317 -3.78 11.55 25.84
N PRO B 318 -3.70 11.54 27.17
CA PRO B 318 -4.17 10.46 28.04
C PRO B 318 -5.65 10.18 27.80
N THR B 319 -6.33 11.17 27.24
CA THR B 319 -7.75 11.11 27.04
C THR B 319 -8.10 10.44 25.70
N GLN B 320 -7.13 10.39 24.79
CA GLN B 320 -7.35 9.83 23.45
C GLN B 320 -6.35 8.72 23.14
N PRO B 321 -6.65 7.50 23.56
CA PRO B 321 -5.69 6.41 23.39
C PRO B 321 -5.46 6.07 21.92
N VAL B 322 -4.28 5.53 21.62
CA VAL B 322 -3.96 5.03 20.29
C VAL B 322 -5.07 4.07 19.83
N ALA B 323 -5.56 4.28 18.61
CA ALA B 323 -6.61 3.43 18.06
C ALA B 323 -6.10 2.60 16.91
N ILE B 324 -6.64 1.38 16.78
CA ILE B 324 -6.40 0.54 15.62
C ILE B 324 -7.47 0.80 14.57
N PRO B 325 -7.05 0.91 13.29
CA PRO B 325 -7.98 1.02 12.16
C PRO B 325 -9.12 -0.02 12.29
N GLY B 326 -10.36 0.47 12.22
CA GLY B 326 -11.51 -0.36 12.51
C GLY B 326 -12.18 0.02 13.83
N ASP B 327 -11.39 0.55 14.78
CA ASP B 327 -11.90 0.87 16.12
C ASP B 327 -12.96 1.96 16.09
N GLY B 328 -12.67 3.06 15.40
CA GLY B 328 -13.63 4.17 15.32
C GLY B 328 -14.92 3.77 14.63
N ALA B 329 -14.80 2.97 13.57
CA ALA B 329 -15.96 2.54 12.81
C ALA B 329 -16.90 1.68 13.65
N ARG B 330 -16.33 0.76 14.42
CA ARG B 330 -17.07 -0.11 15.31
C ARG B 330 -17.81 0.69 16.37
N ALA B 331 -17.09 1.62 16.99
CA ALA B 331 -17.68 2.45 18.03
C ALA B 331 -18.83 3.28 17.45
N ARG B 332 -18.61 3.90 16.30
CA ARG B 332 -19.68 4.67 15.65
C ARG B 332 -20.87 3.78 15.33
N ARG B 333 -20.60 2.55 14.92
CA ARG B 333 -21.66 1.62 14.52
C ARG B 333 -22.54 1.26 15.72
N ALA B 334 -21.91 0.97 16.84
CA ALA B 334 -22.62 0.61 18.06
C ALA B 334 -23.46 1.77 18.55
N ALA B 335 -22.89 2.97 18.50
CA ALA B 335 -23.62 4.18 18.87
C ALA B 335 -24.86 4.35 18.01
N ALA B 336 -24.66 4.30 16.69
CA ALA B 336 -25.75 4.53 15.76
C ALA B 336 -26.84 3.46 15.85
N ALA B 337 -26.43 2.22 16.10
CA ALA B 337 -27.37 1.11 16.25
C ALA B 337 -28.24 1.34 17.48
N LYS B 338 -27.72 2.13 18.41
CA LYS B 338 -28.44 2.40 19.63
C LYS B 338 -29.33 3.65 19.49
N THR B 339 -28.85 4.67 18.78
CA THR B 339 -29.57 5.94 18.71
C THR B 339 -30.32 6.14 17.39
N GLY B 340 -30.16 5.21 16.46
CA GLY B 340 -30.75 5.37 15.15
C GLY B 340 -29.93 6.21 14.18
N ILE B 341 -30.31 6.14 12.91
CA ILE B 341 -29.56 6.76 11.83
C ILE B 341 -30.18 8.10 11.45
N GLU B 342 -29.32 9.12 11.34
CA GLU B 342 -29.74 10.43 10.83
C GLU B 342 -29.66 10.46 9.31
N LEU B 343 -30.71 10.96 8.67
CA LEU B 343 -30.65 11.22 7.23
C LEU B 343 -31.61 12.34 6.87
N PRO B 344 -31.31 13.07 5.78
CA PRO B 344 -32.18 14.18 5.38
C PRO B 344 -33.60 13.70 5.10
N GLN B 345 -34.58 14.49 5.55
CA GLN B 345 -35.98 14.17 5.34
C GLN B 345 -36.36 14.10 3.85
N PRO B 346 -35.76 14.97 3.02
CA PRO B 346 -36.03 14.86 1.58
C PRO B 346 -35.71 13.46 1.04
N LEU B 347 -34.50 12.99 1.31
CA LEU B 347 -34.08 11.66 0.88
C LEU B 347 -35.09 10.61 1.31
N PHE B 348 -35.46 10.63 2.58
CA PHE B 348 -36.34 9.61 3.10
C PHE B 348 -37.74 9.72 2.49
N ASP B 349 -38.20 10.95 2.28
CA ASP B 349 -39.51 11.21 1.68
C ASP B 349 -39.52 10.74 0.23
N HIS B 350 -38.38 10.90 -0.43
CA HIS B 350 -38.26 10.49 -1.82
C HIS B 350 -38.31 8.96 -1.91
N LEU B 351 -37.52 8.29 -1.07
CA LEU B 351 -37.46 6.84 -1.05
C LEU B 351 -38.78 6.22 -0.66
N THR B 352 -39.44 6.78 0.34
CA THR B 352 -40.72 6.24 0.81
C THR B 352 -41.81 6.34 -0.27
N ALA B 353 -41.81 7.41 -1.02
CA ALA B 353 -42.67 7.59 -2.18
C ALA B 353 -42.39 6.56 -3.29
N LEU B 354 -41.14 6.24 -3.50
CA LEU B 354 -40.73 5.14 -4.33
C LEU B 354 -41.23 3.76 -3.85
N GLU B 355 -41.20 3.47 -2.55
CA GLU B 355 -41.63 2.17 -2.01
C GLU B 355 -43.10 2.08 -2.11
N ALA B 356 -43.79 3.17 -1.91
CA ALA B 356 -45.18 3.18 -2.24
C ALA B 356 -45.27 3.35 -3.74
#